data_6OJU
#
_entry.id   6OJU
#
_cell.length_a   62.097
_cell.length_b   124.853
_cell.length_c   80.364
_cell.angle_alpha   90.00
_cell.angle_beta   92.12
_cell.angle_gamma   90.00
#
_symmetry.space_group_name_H-M   'P 1 21 1'
#
loop_
_entity.id
_entity.type
_entity.pdbx_description
1 polymer 'Thymidylate synthase,Thymidylate synthase'
2 non-polymer "2'-DEOXYURIDINE 5'-MONOPHOSPHATE"
3 non-polymer 'N-{4-[(2-amino-4-oxo-4,7-dihydro-3H-pyrrolo[2,3-d]pyrimidin-5-yl)methyl]benzene-1-carbonyl}-D-glutamic acid'
4 water water
#
_entity_poly.entity_id   1
_entity_poly.type   'polypeptide(L)'
_entity_poly.pdbx_seq_one_letter_code
;MPVAGSELQYLGQIQHILRCGVRKDDRTGTGTLSVFGMQARYSLRDEFPLLTTKRVFWKGVLEELLWFIKGSTNAKELSS
KGVKIWDANGSRDFLDSLGFSTREEGDLGPVYGFQWRHFGAEYRDMESDYSGQGVDQLQRVIDTIKTNPDDRRIIMCAWN
PRDLPLMALPPCHALCQFYVVNSELSCQLYQRSGDMGLGVPFNIASYALLTYMIAHITGLKPGDFIHTLGDAHIYLNHIE
PLKIQLQREPRPFPKLRILRKVEKIDDFKAEDFQIEGYNPHPTIKMEMAV
;
_entity_poly.pdbx_strand_id   B,A,C,D
#
# COMPACT_ATOMS: atom_id res chain seq x y z
N SER A 6 -36.22 11.65 -15.55
CA SER A 6 -35.58 12.92 -15.19
C SER A 6 -34.22 13.04 -15.87
N GLU A 7 -33.79 11.96 -16.52
CA GLU A 7 -32.56 12.00 -17.31
C GLU A 7 -32.72 12.80 -18.59
N LEU A 8 -33.96 12.98 -19.05
CA LEU A 8 -34.23 13.78 -20.24
C LEU A 8 -33.78 15.22 -20.08
N GLN A 9 -33.58 15.69 -18.83
CA GLN A 9 -33.10 17.05 -18.64
C GLN A 9 -31.66 17.20 -19.14
N TYR A 10 -30.79 16.26 -18.78
CA TYR A 10 -29.45 16.26 -19.32
C TYR A 10 -29.46 16.09 -20.84
N LEU A 11 -30.32 15.19 -21.34
CA LEU A 11 -30.43 15.03 -22.79
C LEU A 11 -30.99 16.28 -23.44
N GLY A 12 -31.97 16.92 -22.80
CA GLY A 12 -32.50 18.17 -23.33
C GLY A 12 -31.48 19.28 -23.37
N GLN A 13 -30.51 19.25 -22.45
CA GLN A 13 -29.42 20.22 -22.49
C GLN A 13 -28.43 19.91 -23.60
N ILE A 14 -28.20 18.62 -23.88
CA ILE A 14 -27.32 18.24 -24.98
C ILE A 14 -27.95 18.64 -26.32
N GLN A 15 -29.25 18.35 -26.49
CA GLN A 15 -29.91 18.66 -27.75
C GLN A 15 -30.06 20.17 -27.95
N HIS A 16 -30.16 20.94 -26.87
CA HIS A 16 -30.28 22.38 -27.01
C HIS A 16 -28.95 23.03 -27.39
N ILE A 17 -27.84 22.47 -26.93
CA ILE A 17 -26.54 23.00 -27.31
C ILE A 17 -26.22 22.65 -28.75
N LEU A 18 -26.59 21.45 -29.20
CA LEU A 18 -26.35 21.06 -30.58
C LEU A 18 -27.19 21.87 -31.56
N ARG A 19 -28.38 22.30 -31.15
CA ARG A 19 -29.29 23.02 -32.04
C ARG A 19 -29.20 24.53 -31.89
N CYS A 20 -28.98 25.05 -30.68
CA CYS A 20 -28.98 26.48 -30.46
C CYS A 20 -27.66 27.00 -29.88
N GLY A 21 -26.69 26.14 -29.63
CA GLY A 21 -25.41 26.61 -29.09
C GLY A 21 -24.59 27.33 -30.15
N VAL A 22 -23.76 28.24 -29.68
CA VAL A 22 -22.92 29.04 -30.57
C VAL A 22 -21.51 28.49 -30.53
N ARG A 23 -20.82 28.60 -31.67
CA ARG A 23 -19.43 28.18 -31.74
C ARG A 23 -18.55 29.16 -30.99
N LYS A 24 -17.61 28.63 -30.22
CA LYS A 24 -16.76 29.47 -29.37
C LYS A 24 -15.46 28.73 -29.10
N ASP A 25 -14.34 29.45 -29.21
CA ASP A 25 -13.03 28.87 -28.94
C ASP A 25 -12.83 28.65 -27.45
N ASP A 26 -11.76 27.94 -27.11
CA ASP A 26 -11.46 27.64 -25.72
C ASP A 26 -9.94 27.57 -25.55
N ARG A 27 -9.51 27.38 -24.29
CA ARG A 27 -8.08 27.37 -24.00
C ARG A 27 -7.39 26.18 -24.67
N THR A 28 -8.04 25.02 -24.69
CA THR A 28 -7.47 23.86 -25.35
C THR A 28 -7.53 24.05 -26.87
N GLY A 29 -6.75 23.24 -27.58
CA GLY A 29 -6.71 23.36 -29.03
C GLY A 29 -7.93 22.80 -29.74
N THR A 30 -8.98 22.49 -28.99
CA THR A 30 -10.20 21.93 -29.56
C THR A 30 -11.19 23.04 -29.86
N GLY A 31 -12.47 22.69 -29.97
CA GLY A 31 -13.51 23.67 -30.27
C GLY A 31 -14.78 23.28 -29.55
N THR A 32 -15.65 24.26 -29.32
CA THR A 32 -16.86 23.99 -28.56
C THR A 32 -18.06 24.67 -29.19
N LEU A 33 -19.23 24.12 -28.88
CA LEU A 33 -20.52 24.77 -29.02
C LEU A 33 -21.02 25.12 -27.62
N SER A 34 -21.23 26.40 -27.35
CA SER A 34 -21.44 26.85 -25.98
C SER A 34 -22.82 27.48 -25.80
N VAL A 35 -23.34 27.34 -24.58
CA VAL A 35 -24.53 28.04 -24.11
C VAL A 35 -24.26 28.47 -22.67
N PHE A 36 -24.55 29.72 -22.35
CA PHE A 36 -24.29 30.28 -21.03
C PHE A 36 -25.58 30.35 -20.22
N GLY A 37 -25.61 29.64 -19.09
CA GLY A 37 -26.74 29.71 -18.19
C GLY A 37 -27.80 28.66 -18.40
N MET A 38 -27.68 27.54 -17.69
CA MET A 38 -28.66 26.46 -17.74
C MET A 38 -28.91 25.96 -16.33
N GLN A 39 -30.06 25.34 -16.12
CA GLN A 39 -30.40 24.78 -14.82
C GLN A 39 -31.31 23.57 -14.99
N ALA A 40 -30.96 22.48 -14.31
CA ALA A 40 -31.73 21.24 -14.32
C ALA A 40 -31.89 20.72 -12.91
N ARG A 41 -32.99 20.01 -12.66
CA ARG A 41 -33.33 19.51 -11.34
C ARG A 41 -33.44 17.99 -11.40
N TYR A 42 -32.56 17.30 -10.67
CA TYR A 42 -32.54 15.84 -10.61
C TYR A 42 -33.00 15.40 -9.23
N SER A 43 -34.10 14.65 -9.17
CA SER A 43 -34.64 14.19 -7.90
C SER A 43 -33.80 13.07 -7.32
N LEU A 44 -33.48 13.18 -6.03
CA LEU A 44 -32.70 12.18 -5.31
C LEU A 44 -33.57 11.25 -4.45
N ARG A 45 -34.89 11.35 -4.58
CA ARG A 45 -35.81 10.61 -3.72
C ARG A 45 -36.00 9.19 -4.25
N ASP A 46 -35.46 8.21 -3.52
CA ASP A 46 -35.55 6.79 -3.84
C ASP A 46 -34.93 6.45 -5.20
N GLU A 47 -34.02 7.29 -5.68
CA GLU A 47 -33.32 7.02 -6.93
C GLU A 47 -32.05 7.85 -6.95
N PHE A 48 -31.02 7.32 -7.60
CA PHE A 48 -29.75 8.02 -7.71
C PHE A 48 -29.51 8.40 -9.17
N PRO A 49 -29.22 9.71 -9.45
CA PRO A 49 -29.08 10.16 -10.85
C PRO A 49 -27.76 9.73 -11.48
N LEU A 50 -27.60 8.42 -11.63
CA LEU A 50 -26.51 7.84 -12.38
C LEU A 50 -27.04 7.55 -13.78
N LEU A 51 -26.47 8.21 -14.78
CA LEU A 51 -27.04 8.20 -16.12
C LEU A 51 -27.08 6.79 -16.69
N THR A 52 -28.15 6.51 -17.45
CA THR A 52 -28.35 5.20 -18.06
C THR A 52 -28.15 5.20 -19.57
N THR A 53 -28.13 6.36 -20.22
CA THR A 53 -27.81 6.39 -21.63
C THR A 53 -26.35 6.08 -21.91
N LYS A 54 -25.51 6.07 -20.88
CA LYS A 54 -24.12 5.64 -21.01
C LYS A 54 -23.61 5.27 -19.63
N ARG A 55 -22.75 4.25 -19.57
CA ARG A 55 -22.19 3.83 -18.30
C ARG A 55 -21.25 4.91 -17.78
N VAL A 56 -21.50 5.34 -16.54
CA VAL A 56 -20.67 6.35 -15.88
C VAL A 56 -19.72 5.64 -14.92
N PHE A 57 -18.49 6.14 -14.82
CA PHE A 57 -17.50 5.52 -13.96
C PHE A 57 -17.88 5.74 -12.50
N TRP A 58 -18.71 4.85 -11.95
CA TRP A 58 -19.18 5.03 -10.58
C TRP A 58 -18.08 4.80 -9.56
N LYS A 59 -17.14 3.90 -9.83
CA LYS A 59 -16.01 3.73 -8.93
C LYS A 59 -15.15 4.99 -8.91
N GLY A 60 -15.01 5.64 -10.06
CA GLY A 60 -14.32 6.92 -10.09
C GLY A 60 -15.05 7.99 -9.30
N VAL A 61 -16.39 8.02 -9.41
CA VAL A 61 -17.18 8.96 -8.63
C VAL A 61 -17.00 8.71 -7.13
N LEU A 62 -17.03 7.44 -6.73
CA LEU A 62 -16.96 7.12 -5.30
C LEU A 62 -15.56 7.37 -4.74
N GLU A 63 -14.52 7.01 -5.49
CA GLU A 63 -13.16 7.14 -4.99
C GLU A 63 -12.69 8.59 -5.00
N GLU A 64 -13.15 9.39 -5.96
CA GLU A 64 -12.72 10.78 -6.02
C GLU A 64 -13.33 11.60 -4.89
N LEU A 65 -14.58 11.29 -4.52
CA LEU A 65 -15.22 12.04 -3.43
C LEU A 65 -14.58 11.73 -2.08
N LEU A 66 -14.30 10.46 -1.81
CA LEU A 66 -13.53 10.12 -0.61
C LEU A 66 -12.15 10.77 -0.64
N TRP A 67 -11.58 10.95 -1.83
CA TRP A 67 -10.31 11.65 -1.97
C TRP A 67 -10.47 13.14 -1.68
N PHE A 68 -11.63 13.73 -2.03
CA PHE A 68 -11.90 15.11 -1.67
C PHE A 68 -12.09 15.27 -0.17
N ILE A 69 -12.91 14.40 0.42
CA ILE A 69 -13.23 14.51 1.84
C ILE A 69 -11.98 14.37 2.70
N LYS A 70 -11.09 13.46 2.32
CA LYS A 70 -9.83 13.28 3.05
C LYS A 70 -8.93 14.51 2.96
N GLY A 71 -9.25 15.46 2.09
CA GLY A 71 -8.44 16.65 1.93
C GLY A 71 -7.18 16.48 1.12
N SER A 72 -7.00 15.33 0.47
CA SER A 72 -5.77 15.07 -0.27
C SER A 72 -5.78 15.84 -1.58
N THR A 73 -4.62 16.40 -1.92
CA THR A 73 -4.41 17.05 -3.21
C THR A 73 -3.34 16.33 -4.02
N ASN A 74 -3.03 15.08 -3.64
CA ASN A 74 -2.04 14.26 -4.31
C ASN A 74 -2.75 13.38 -5.33
N ALA A 75 -2.40 13.55 -6.61
CA ALA A 75 -3.02 12.75 -7.66
C ALA A 75 -2.63 11.29 -7.56
N LYS A 76 -1.42 11.00 -7.06
CA LYS A 76 -1.01 9.61 -6.88
C LYS A 76 -1.82 8.91 -5.81
N GLU A 77 -2.36 9.66 -4.85
CA GLU A 77 -3.21 9.06 -3.82
C GLU A 77 -4.50 8.53 -4.42
N LEU A 78 -5.08 9.27 -5.37
CA LEU A 78 -6.28 8.79 -6.05
C LEU A 78 -5.93 7.76 -7.13
N SER A 79 -4.79 7.95 -7.80
CA SER A 79 -4.40 7.02 -8.86
C SER A 79 -4.05 5.65 -8.30
N SER A 80 -3.63 5.57 -7.04
CA SER A 80 -3.37 4.28 -6.42
C SER A 80 -4.65 3.51 -6.12
N LYS A 81 -5.82 4.12 -6.34
CA LYS A 81 -7.10 3.45 -6.13
C LYS A 81 -7.72 2.95 -7.44
N GLY A 82 -7.13 3.27 -8.58
CA GLY A 82 -7.67 2.89 -9.88
C GLY A 82 -8.32 4.01 -10.66
N VAL A 83 -8.33 5.23 -10.13
CA VAL A 83 -8.96 6.37 -10.79
C VAL A 83 -7.83 7.32 -11.20
N LYS A 84 -7.53 7.34 -12.49
CA LYS A 84 -6.44 8.15 -13.03
C LYS A 84 -6.95 9.37 -13.78
N ILE A 85 -8.05 9.96 -13.32
CA ILE A 85 -8.66 11.07 -14.04
C ILE A 85 -7.92 12.39 -13.80
N TRP A 86 -7.10 12.48 -12.76
CA TRP A 86 -6.37 13.72 -12.46
C TRP A 86 -4.89 13.63 -12.78
N ASP A 87 -4.41 12.49 -13.28
CA ASP A 87 -2.99 12.37 -13.63
C ASP A 87 -2.63 13.30 -14.79
N ALA A 88 -3.61 13.63 -15.64
CA ALA A 88 -3.35 14.54 -16.76
C ALA A 88 -3.06 15.95 -16.25
N ASN A 89 -3.75 16.38 -15.20
CA ASN A 89 -3.51 17.72 -14.65
C ASN A 89 -2.33 17.75 -13.69
N GLY A 90 -1.89 16.60 -13.20
CA GLY A 90 -0.73 16.53 -12.31
C GLY A 90 0.53 16.01 -12.96
N SER A 91 0.55 15.84 -14.27
CA SER A 91 1.71 15.35 -14.99
C SER A 91 2.73 16.47 -15.18
N ARG A 92 3.99 16.06 -15.37
CA ARG A 92 5.06 17.03 -15.58
C ARG A 92 4.82 17.85 -16.84
N ASP A 93 4.32 17.23 -17.90
CA ASP A 93 4.12 17.95 -19.16
C ASP A 93 3.09 19.06 -19.00
N PHE A 94 1.98 18.78 -18.32
CA PHE A 94 0.96 19.81 -18.15
C PHE A 94 1.31 20.81 -17.05
N LEU A 95 2.01 20.36 -15.99
CA LEU A 95 2.37 21.26 -14.91
C LEU A 95 3.47 22.22 -15.33
N ASP A 96 4.50 21.73 -16.02
CA ASP A 96 5.61 22.57 -16.42
C ASP A 96 5.23 23.60 -17.48
N SER A 97 4.14 23.37 -18.21
CA SER A 97 3.70 24.34 -19.20
C SER A 97 3.06 25.58 -18.57
N LEU A 98 2.53 25.46 -17.36
CA LEU A 98 1.89 26.57 -16.67
C LEU A 98 2.78 27.18 -15.60
N GLY A 99 4.09 26.95 -15.67
CA GLY A 99 5.03 27.49 -14.72
C GLY A 99 5.21 26.68 -13.44
N PHE A 100 4.46 25.60 -13.27
CA PHE A 100 4.61 24.76 -12.08
C PHE A 100 5.77 23.80 -12.35
N SER A 101 6.96 24.21 -11.93
CA SER A 101 8.19 23.45 -12.13
C SER A 101 8.73 22.84 -10.85
N THR A 102 8.21 23.20 -9.69
CA THR A 102 8.69 22.72 -8.41
C THR A 102 7.83 21.61 -7.81
N ARG A 103 6.88 21.07 -8.57
CA ARG A 103 6.03 20.01 -8.04
C ARG A 103 6.75 18.68 -8.08
N GLU A 104 6.37 17.79 -7.16
CA GLU A 104 6.95 16.45 -7.10
C GLU A 104 6.24 15.53 -8.08
N GLU A 105 5.19 14.86 -7.63
CA GLU A 105 4.41 13.99 -8.49
C GLU A 105 2.95 14.08 -8.02
N GLY A 106 2.11 14.71 -8.84
CA GLY A 106 0.70 14.82 -8.51
C GLY A 106 0.31 16.04 -7.72
N ASP A 107 1.10 17.12 -7.78
CA ASP A 107 0.77 18.33 -7.04
C ASP A 107 -0.13 19.21 -7.89
N LEU A 108 -1.44 19.04 -7.72
CA LEU A 108 -2.40 19.88 -8.41
C LEU A 108 -2.49 21.26 -7.79
N GLY A 109 -1.90 21.45 -6.60
CA GLY A 109 -1.99 22.69 -5.88
C GLY A 109 -3.12 22.61 -4.86
N PRO A 110 -3.58 23.77 -4.40
CA PRO A 110 -4.71 23.79 -3.47
C PRO A 110 -6.04 23.65 -4.21
N VAL A 111 -6.51 22.41 -4.38
CA VAL A 111 -7.69 22.14 -5.19
C VAL A 111 -8.85 21.69 -4.31
N TYR A 112 -9.85 21.04 -4.93
CA TYR A 112 -11.13 20.78 -4.27
C TYR A 112 -10.97 20.18 -2.88
N GLY A 113 -9.99 19.30 -2.70
CA GLY A 113 -9.82 18.67 -1.40
C GLY A 113 -9.31 19.65 -0.37
N PHE A 114 -8.39 20.53 -0.77
CA PHE A 114 -7.80 21.48 0.18
C PHE A 114 -8.80 22.57 0.55
N GLN A 115 -9.56 23.06 -0.43
CA GLN A 115 -10.50 24.15 -0.17
C GLN A 115 -11.70 23.69 0.64
N TRP A 116 -12.07 22.41 0.54
CA TRP A 116 -13.22 21.92 1.29
C TRP A 116 -12.93 21.87 2.78
N ARG A 117 -11.69 21.56 3.16
CA ARG A 117 -11.34 21.33 4.56
C ARG A 117 -10.46 22.40 5.16
N HIS A 118 -9.68 23.14 4.35
CA HIS A 118 -8.74 24.12 4.87
C HIS A 118 -8.74 25.36 3.97
N PHE A 119 -9.89 26.01 3.86
CA PHE A 119 -10.00 27.22 3.05
C PHE A 119 -9.24 28.37 3.71
N GLY A 120 -8.41 29.06 2.92
CA GLY A 120 -7.64 30.18 3.39
C GLY A 120 -6.28 29.84 3.96
N ALA A 121 -6.02 28.58 4.29
CA ALA A 121 -4.72 28.17 4.81
C ALA A 121 -3.63 28.35 3.75
N GLU A 122 -2.40 28.50 4.23
CA GLU A 122 -1.25 28.68 3.35
C GLU A 122 -0.80 27.32 2.82
N TYR A 123 -0.94 27.12 1.52
CA TYR A 123 -0.61 25.85 0.89
C TYR A 123 0.90 25.73 0.71
N ARG A 124 1.50 24.69 1.30
CA ARG A 124 2.91 24.41 1.11
C ARG A 124 3.09 23.45 -0.06
N ASP A 125 2.85 22.16 0.19
CA ASP A 125 2.85 21.16 -0.87
C ASP A 125 1.72 20.18 -0.59
N MET A 126 1.69 19.07 -1.32
CA MET A 126 0.61 18.10 -1.21
C MET A 126 0.79 17.14 -0.04
N GLU A 127 1.97 17.11 0.59
CA GLU A 127 2.24 16.22 1.71
C GLU A 127 2.20 16.91 3.06
N SER A 128 2.14 18.24 3.10
CA SER A 128 2.18 18.97 4.36
C SER A 128 0.88 18.75 5.14
N ASP A 129 0.98 18.88 6.46
CA ASP A 129 -0.18 18.73 7.33
C ASP A 129 -0.87 20.07 7.52
N TYR A 130 -2.19 20.09 7.32
CA TYR A 130 -3.00 21.29 7.47
C TYR A 130 -4.07 21.13 8.54
N SER A 131 -3.90 20.16 9.44
CA SER A 131 -4.89 19.94 10.48
C SER A 131 -5.02 21.16 11.38
N GLY A 132 -6.25 21.63 11.56
CA GLY A 132 -6.51 22.82 12.33
C GLY A 132 -6.36 24.12 11.57
N GLN A 133 -5.78 24.08 10.37
CA GLN A 133 -5.58 25.26 9.55
C GLN A 133 -6.77 25.45 8.60
N GLY A 134 -7.05 26.71 8.26
CA GLY A 134 -8.10 27.03 7.33
C GLY A 134 -9.49 26.76 7.90
N VAL A 135 -10.49 27.06 7.08
CA VAL A 135 -11.89 26.87 7.43
C VAL A 135 -12.33 25.51 6.90
N ASP A 136 -12.92 24.70 7.78
CA ASP A 136 -13.44 23.39 7.40
C ASP A 136 -14.87 23.59 6.93
N GLN A 137 -15.01 23.91 5.65
CA GLN A 137 -16.34 24.19 5.09
C GLN A 137 -17.24 22.96 5.15
N LEU A 138 -16.67 21.78 4.93
CA LEU A 138 -17.47 20.56 4.90
C LEU A 138 -18.04 20.25 6.28
N GLN A 139 -17.20 20.29 7.31
CA GLN A 139 -17.69 20.00 8.66
C GLN A 139 -18.58 21.10 9.18
N ARG A 140 -18.30 22.36 8.81
CA ARG A 140 -19.17 23.46 9.21
C ARG A 140 -20.55 23.33 8.56
N VAL A 141 -20.61 22.83 7.33
CA VAL A 141 -21.89 22.64 6.67
C VAL A 141 -22.71 21.56 7.37
N ILE A 142 -22.05 20.48 7.81
CA ILE A 142 -22.76 19.42 8.52
C ILE A 142 -23.23 19.92 9.88
N ASP A 143 -22.41 20.72 10.56
CA ASP A 143 -22.79 21.25 11.86
C ASP A 143 -23.98 22.20 11.75
N THR A 144 -24.01 23.03 10.71
CA THR A 144 -25.11 23.97 10.54
C THR A 144 -26.42 23.23 10.24
N ILE A 145 -26.36 22.17 9.43
CA ILE A 145 -27.55 21.39 9.11
C ILE A 145 -28.11 20.75 10.37
N LYS A 146 -27.24 20.30 11.26
CA LYS A 146 -27.69 19.66 12.50
C LYS A 146 -28.34 20.65 13.45
N THR A 147 -27.74 21.83 13.62
CA THR A 147 -28.19 22.77 14.64
C THR A 147 -29.24 23.76 14.11
N ASN A 148 -29.01 24.35 12.94
CA ASN A 148 -29.90 25.35 12.36
C ASN A 148 -30.17 25.00 10.91
N PRO A 149 -31.08 24.05 10.65
CA PRO A 149 -31.33 23.64 9.26
C PRO A 149 -32.00 24.72 8.42
N ASP A 150 -32.73 25.65 9.03
CA ASP A 150 -33.36 26.74 8.29
C ASP A 150 -32.36 27.79 7.83
N ASP A 151 -31.09 27.65 8.19
CA ASP A 151 -30.08 28.64 7.82
C ASP A 151 -29.89 28.67 6.31
N ARG A 152 -29.77 29.87 5.76
CA ARG A 152 -29.63 30.08 4.32
C ARG A 152 -28.18 30.35 3.92
N ARG A 153 -27.22 29.97 4.76
CA ARG A 153 -25.80 30.22 4.51
C ARG A 153 -24.99 28.93 4.48
N ILE A 154 -25.67 27.79 4.36
CA ILE A 154 -25.03 26.48 4.29
C ILE A 154 -24.33 26.32 2.95
N ILE A 155 -23.13 26.87 2.82
CA ILE A 155 -22.42 26.94 1.55
C ILE A 155 -21.00 26.40 1.72
N MET A 156 -20.57 25.60 0.75
CA MET A 156 -19.19 25.13 0.65
C MET A 156 -18.64 25.61 -0.69
N CYS A 157 -17.71 26.56 -0.65
CA CYS A 157 -17.18 27.20 -1.84
C CYS A 157 -15.73 26.79 -2.06
N ALA A 158 -15.41 26.46 -3.32
CA ALA A 158 -14.05 26.09 -3.69
C ALA A 158 -13.34 27.15 -4.50
N TRP A 159 -14.02 28.21 -4.91
CA TRP A 159 -13.41 29.27 -5.70
C TRP A 159 -12.66 30.22 -4.77
N ASN A 160 -11.33 30.12 -4.76
CA ASN A 160 -10.48 30.98 -3.94
C ASN A 160 -9.54 31.76 -4.85
N PRO A 161 -9.80 33.05 -5.08
CA PRO A 161 -8.90 33.84 -5.93
C PRO A 161 -7.48 33.93 -5.41
N ARG A 162 -7.26 33.76 -4.10
CA ARG A 162 -5.90 33.80 -3.57
C ARG A 162 -5.12 32.55 -3.98
N ASP A 163 -5.73 31.38 -3.84
CA ASP A 163 -5.09 30.11 -4.22
C ASP A 163 -5.29 29.77 -5.69
N LEU A 164 -5.98 30.63 -6.45
CA LEU A 164 -6.27 30.32 -7.85
C LEU A 164 -5.02 30.13 -8.70
N PRO A 165 -4.03 31.02 -8.67
CA PRO A 165 -2.85 30.81 -9.54
C PRO A 165 -1.97 29.63 -9.14
N LEU A 166 -2.25 28.97 -8.02
CA LEU A 166 -1.46 27.83 -7.58
C LEU A 166 -2.08 26.49 -7.96
N MET A 167 -3.23 26.51 -8.62
CA MET A 167 -3.94 25.30 -9.01
C MET A 167 -3.57 24.93 -10.44
N ALA A 168 -3.39 23.63 -10.68
CA ALA A 168 -3.18 23.16 -12.05
C ALA A 168 -4.40 23.45 -12.92
N LEU A 169 -5.60 23.33 -12.35
CA LEU A 169 -6.84 23.65 -13.02
C LEU A 169 -7.81 24.26 -12.02
N PRO A 170 -8.27 25.49 -12.26
CA PRO A 170 -9.16 26.14 -11.30
C PRO A 170 -10.47 25.37 -11.18
N PRO A 171 -11.14 25.49 -10.03
CA PRO A 171 -12.31 24.63 -9.78
C PRO A 171 -13.44 24.89 -10.78
N CYS A 172 -14.00 23.81 -11.31
CA CYS A 172 -15.17 23.90 -12.18
C CYS A 172 -16.46 23.89 -11.37
N HIS A 173 -16.60 22.96 -10.44
CA HIS A 173 -17.69 23.02 -9.47
C HIS A 173 -17.23 23.92 -8.33
N ALA A 174 -17.47 25.23 -8.50
CA ALA A 174 -16.87 26.23 -7.62
C ALA A 174 -17.64 26.39 -6.32
N LEU A 175 -18.97 26.43 -6.40
CA LEU A 175 -19.79 26.73 -5.23
C LEU A 175 -20.99 25.79 -5.19
N CYS A 176 -21.31 25.30 -3.99
CA CYS A 176 -22.50 24.50 -3.77
C CYS A 176 -23.15 24.92 -2.46
N GLN A 177 -24.48 24.87 -2.43
CA GLN A 177 -25.27 25.31 -1.28
C GLN A 177 -26.26 24.22 -0.93
N PHE A 178 -26.53 24.06 0.36
CA PHE A 178 -27.48 23.08 0.85
C PHE A 178 -28.72 23.76 1.40
N TYR A 179 -29.79 22.97 1.55
CA TYR A 179 -31.11 23.50 1.85
C TYR A 179 -31.94 22.40 2.49
N VAL A 180 -32.62 22.71 3.59
CA VAL A 180 -33.35 21.71 4.36
C VAL A 180 -34.80 22.19 4.53
N VAL A 181 -35.74 21.30 4.21
CA VAL A 181 -37.15 21.53 4.50
C VAL A 181 -37.85 20.17 4.51
N ASN A 182 -38.76 19.99 5.46
CA ASN A 182 -39.48 18.73 5.64
C ASN A 182 -38.52 17.56 5.76
N SER A 183 -37.42 17.78 6.48
CA SER A 183 -36.37 16.77 6.68
C SER A 183 -35.82 16.26 5.36
N GLU A 184 -35.79 17.11 4.33
CA GLU A 184 -35.26 16.76 3.03
C GLU A 184 -34.07 17.66 2.71
N LEU A 185 -32.90 17.05 2.58
CA LEU A 185 -31.68 17.79 2.25
C LEU A 185 -31.54 17.90 0.75
N SER A 186 -31.54 19.14 0.25
CA SER A 186 -31.34 19.42 -1.16
C SER A 186 -30.01 20.13 -1.36
N CYS A 187 -29.52 20.08 -2.59
CA CYS A 187 -28.20 20.60 -2.92
C CYS A 187 -28.23 21.23 -4.31
N GLN A 188 -27.71 22.45 -4.41
CA GLN A 188 -27.51 23.09 -5.70
C GLN A 188 -26.03 23.36 -5.91
N LEU A 189 -25.53 23.04 -7.10
CA LEU A 189 -24.14 23.22 -7.46
C LEU A 189 -24.05 24.24 -8.58
N TYR A 190 -23.17 25.23 -8.44
CA TYR A 190 -22.87 26.16 -9.51
C TYR A 190 -21.57 25.73 -10.16
N GLN A 191 -21.68 25.21 -11.38
CA GLN A 191 -20.52 24.78 -12.16
C GLN A 191 -20.20 25.87 -13.18
N ARG A 192 -19.04 26.51 -13.02
CA ARG A 192 -18.69 27.61 -13.91
C ARG A 192 -18.46 27.14 -15.33
N SER A 193 -17.95 25.93 -15.50
CA SER A 193 -17.60 25.39 -16.81
C SER A 193 -18.00 23.92 -16.84
N GLY A 194 -18.84 23.56 -17.79
CA GLY A 194 -19.33 22.20 -17.85
C GLY A 194 -19.01 21.47 -19.14
N ASP A 195 -18.11 20.50 -19.07
CA ASP A 195 -17.89 19.58 -20.18
C ASP A 195 -19.10 18.66 -20.25
N MET A 196 -20.05 19.01 -21.13
CA MET A 196 -21.32 18.31 -21.17
C MET A 196 -21.16 16.83 -21.55
N GLY A 197 -20.16 16.52 -22.36
CA GLY A 197 -19.99 15.15 -22.81
C GLY A 197 -19.26 14.25 -21.84
N LEU A 198 -18.27 14.80 -21.13
CA LEU A 198 -17.39 14.01 -20.28
C LEU A 198 -17.63 14.26 -18.80
N GLY A 199 -17.44 15.49 -18.33
CA GLY A 199 -17.43 15.73 -16.90
C GLY A 199 -18.79 15.89 -16.28
N VAL A 200 -19.76 16.44 -17.01
CA VAL A 200 -21.06 16.76 -16.40
C VAL A 200 -21.77 15.52 -15.85
N PRO A 201 -21.88 14.40 -16.58
CA PRO A 201 -22.45 13.20 -15.93
C PRO A 201 -21.67 12.76 -14.71
N PHE A 202 -20.34 12.90 -14.75
CA PHE A 202 -19.52 12.56 -13.60
C PHE A 202 -19.78 13.51 -12.43
N ASN A 203 -19.94 14.80 -12.72
CA ASN A 203 -20.15 15.78 -11.67
C ASN A 203 -21.54 15.67 -11.05
N ILE A 204 -22.55 15.32 -11.86
CA ILE A 204 -23.90 15.15 -11.32
C ILE A 204 -23.94 14.01 -10.31
N ALA A 205 -23.33 12.87 -10.66
CA ALA A 205 -23.29 11.75 -9.74
C ALA A 205 -22.43 12.05 -8.52
N SER A 206 -21.38 12.85 -8.69
CA SER A 206 -20.49 13.15 -7.58
C SER A 206 -21.21 13.90 -6.47
N TYR A 207 -21.87 15.01 -6.84
CA TYR A 207 -22.58 15.82 -5.85
C TYR A 207 -23.89 15.21 -5.42
N ALA A 208 -24.47 14.29 -6.21
CA ALA A 208 -25.60 13.52 -5.73
C ALA A 208 -25.17 12.56 -4.63
N LEU A 209 -24.02 11.92 -4.80
CA LEU A 209 -23.47 11.07 -3.75
C LEU A 209 -23.13 11.89 -2.50
N LEU A 210 -22.60 13.09 -2.70
CA LEU A 210 -22.25 13.95 -1.57
C LEU A 210 -23.48 14.31 -0.75
N THR A 211 -24.63 14.51 -1.42
CA THR A 211 -25.85 14.80 -0.70
C THR A 211 -26.32 13.57 0.07
N TYR A 212 -26.15 12.37 -0.50
CA TYR A 212 -26.54 11.16 0.20
C TYR A 212 -25.71 10.95 1.46
N MET A 213 -24.41 11.24 1.39
CA MET A 213 -23.55 11.07 2.55
C MET A 213 -23.92 12.05 3.66
N ILE A 214 -24.13 13.31 3.29
CA ILE A 214 -24.47 14.33 4.29
C ILE A 214 -25.87 14.10 4.83
N ALA A 215 -26.79 13.57 4.01
CA ALA A 215 -28.11 13.24 4.51
C ALA A 215 -28.08 12.05 5.44
N HIS A 216 -27.14 11.12 5.23
CA HIS A 216 -27.02 9.97 6.11
C HIS A 216 -26.49 10.37 7.49
N ILE A 217 -25.57 11.33 7.53
CA ILE A 217 -25.00 11.77 8.81
C ILE A 217 -26.01 12.60 9.59
N THR A 218 -26.62 13.57 8.93
CA THR A 218 -27.55 14.48 9.60
C THR A 218 -28.92 13.86 9.85
N GLY A 219 -29.15 12.64 9.38
CA GLY A 219 -30.43 11.98 9.61
C GLY A 219 -31.56 12.56 8.78
N LEU A 220 -31.27 12.97 7.55
CA LEU A 220 -32.25 13.55 6.66
C LEU A 220 -32.39 12.68 5.41
N LYS A 221 -33.44 12.95 4.65
CA LYS A 221 -33.67 12.22 3.41
C LYS A 221 -33.19 13.06 2.23
N PRO A 222 -32.59 12.43 1.22
CA PRO A 222 -32.18 13.18 0.02
C PRO A 222 -33.38 13.77 -0.70
N GLY A 223 -33.27 15.03 -1.07
CA GLY A 223 -34.34 15.70 -1.79
C GLY A 223 -34.06 15.87 -3.27
N ASP A 224 -33.64 17.07 -3.66
CA ASP A 224 -33.32 17.37 -5.05
C ASP A 224 -31.86 17.78 -5.16
N PHE A 225 -31.32 17.63 -6.37
CA PHE A 225 -30.02 18.17 -6.72
C PHE A 225 -30.19 19.09 -7.93
N ILE A 226 -30.02 20.39 -7.70
CA ILE A 226 -30.16 21.39 -8.76
C ILE A 226 -28.79 21.62 -9.38
N HIS A 227 -28.67 21.38 -10.68
CA HIS A 227 -27.41 21.51 -11.41
C HIS A 227 -27.45 22.79 -12.23
N THR A 228 -26.83 23.85 -11.69
CA THR A 228 -26.75 25.14 -12.36
C THR A 228 -25.40 25.28 -13.07
N LEU A 229 -25.44 25.63 -14.35
CA LEU A 229 -24.25 25.73 -15.18
C LEU A 229 -23.97 27.17 -15.60
N GLY A 230 -22.69 27.48 -15.74
CA GLY A 230 -22.26 28.73 -16.35
C GLY A 230 -22.01 28.53 -17.83
N ASP A 231 -20.76 28.27 -18.20
CA ASP A 231 -20.41 27.96 -19.58
C ASP A 231 -20.62 26.46 -19.79
N ALA A 232 -21.79 26.10 -20.31
CA ALA A 232 -22.10 24.72 -20.69
C ALA A 232 -21.71 24.53 -22.15
N HIS A 233 -20.69 23.71 -22.40
CA HIS A 233 -20.14 23.54 -23.73
C HIS A 233 -20.11 22.06 -24.12
N ILE A 234 -20.16 21.83 -25.43
CA ILE A 234 -19.98 20.50 -26.02
C ILE A 234 -18.80 20.59 -26.95
N TYR A 235 -17.74 19.84 -26.65
CA TYR A 235 -16.56 19.86 -27.50
C TYR A 235 -16.88 19.29 -28.88
N LEU A 236 -16.14 19.77 -29.88
CA LEU A 236 -16.41 19.37 -31.26
C LEU A 236 -16.14 17.88 -31.47
N ASN A 237 -15.11 17.34 -30.83
CA ASN A 237 -14.79 15.93 -30.92
C ASN A 237 -15.70 15.06 -30.06
N HIS A 238 -16.82 15.61 -29.58
CA HIS A 238 -17.83 14.87 -28.84
C HIS A 238 -19.16 14.81 -29.58
N ILE A 239 -19.29 15.47 -30.73
CA ILE A 239 -20.59 15.57 -31.39
C ILE A 239 -21.09 14.20 -31.82
N GLU A 240 -20.24 13.42 -32.50
CA GLU A 240 -20.66 12.10 -32.94
C GLU A 240 -20.95 11.16 -31.77
N PRO A 241 -20.09 11.02 -30.75
CA PRO A 241 -20.45 10.15 -29.62
C PRO A 241 -21.71 10.59 -28.89
N LEU A 242 -21.98 11.90 -28.83
CA LEU A 242 -23.19 12.37 -28.15
C LEU A 242 -24.44 12.18 -28.99
N LYS A 243 -24.32 12.26 -30.31
CA LYS A 243 -25.47 11.98 -31.17
C LYS A 243 -25.87 10.51 -31.10
N ILE A 244 -24.92 9.62 -30.77
CA ILE A 244 -25.26 8.22 -30.55
C ILE A 244 -25.91 8.03 -29.18
N GLN A 245 -25.41 8.74 -28.16
CA GLN A 245 -26.03 8.66 -26.84
C GLN A 245 -27.43 9.29 -26.86
N LEU A 246 -27.65 10.27 -27.73
CA LEU A 246 -28.94 10.96 -27.76
C LEU A 246 -30.05 10.07 -28.30
N GLN A 247 -29.72 9.14 -29.21
CA GLN A 247 -30.70 8.23 -29.76
C GLN A 247 -31.06 7.09 -28.82
N ARG A 248 -30.32 6.91 -27.74
CA ARG A 248 -30.57 5.84 -26.80
C ARG A 248 -31.73 6.18 -25.88
N GLU A 249 -32.62 5.22 -25.63
CA GLU A 249 -33.73 5.47 -24.73
C GLU A 249 -33.26 5.33 -23.28
N PRO A 250 -33.60 6.28 -22.42
CA PRO A 250 -33.18 6.15 -21.01
C PRO A 250 -33.91 5.01 -20.32
N ARG A 251 -33.23 4.44 -19.33
CA ARG A 251 -33.78 3.41 -18.46
C ARG A 251 -33.88 3.95 -17.04
N PRO A 252 -34.68 3.33 -16.18
CA PRO A 252 -34.86 3.87 -14.82
C PRO A 252 -33.54 4.00 -14.06
N PHE A 253 -33.45 5.07 -13.28
CA PHE A 253 -32.27 5.33 -12.48
C PHE A 253 -32.05 4.22 -11.45
N PRO A 254 -30.80 3.93 -11.10
CA PRO A 254 -30.54 2.94 -10.05
C PRO A 254 -30.86 3.47 -8.66
N LYS A 255 -30.47 2.74 -7.63
CA LYS A 255 -30.63 3.18 -6.25
C LYS A 255 -29.31 3.10 -5.52
N LEU A 256 -29.13 3.98 -4.54
CA LEU A 256 -27.94 4.03 -3.72
C LEU A 256 -28.30 3.61 -2.31
N ARG A 257 -27.59 2.61 -1.80
CA ARG A 257 -27.83 2.05 -0.46
C ARG A 257 -26.61 2.28 0.42
N ILE A 258 -26.85 2.70 1.65
CA ILE A 258 -25.81 2.84 2.66
C ILE A 258 -25.83 1.58 3.52
N LEU A 259 -24.71 0.87 3.55
CA LEU A 259 -24.69 -0.45 4.16
C LEU A 259 -24.48 -0.44 5.67
N ARG A 260 -24.04 0.69 6.24
CA ARG A 260 -23.85 0.77 7.68
C ARG A 260 -24.04 2.21 8.14
N LYS A 261 -24.47 2.35 9.39
CA LYS A 261 -24.64 3.68 9.98
C LYS A 261 -23.27 4.28 10.28
N VAL A 262 -22.99 5.44 9.68
CA VAL A 262 -21.73 6.14 9.86
C VAL A 262 -21.99 7.46 10.58
N GLU A 263 -21.14 7.77 11.56
CA GLU A 263 -21.34 8.95 12.39
C GLU A 263 -20.65 10.19 11.82
N LYS A 264 -19.41 10.06 11.40
CA LYS A 264 -18.62 11.17 10.88
C LYS A 264 -18.41 11.02 9.39
N ILE A 265 -18.18 12.17 8.73
CA ILE A 265 -17.96 12.18 7.28
C ILE A 265 -16.63 11.53 6.93
N ASP A 266 -15.67 11.53 7.86
CA ASP A 266 -14.36 10.94 7.60
C ASP A 266 -14.37 9.42 7.69
N ASP A 267 -15.38 8.83 8.32
CA ASP A 267 -15.42 7.40 8.55
C ASP A 267 -16.05 6.62 7.40
N PHE A 268 -16.36 7.30 6.29
CA PHE A 268 -16.93 6.62 5.13
C PHE A 268 -15.84 5.87 4.37
N LYS A 269 -16.09 4.60 4.08
CA LYS A 269 -15.20 3.77 3.28
C LYS A 269 -15.91 3.38 1.99
N ALA A 270 -15.13 2.94 1.01
CA ALA A 270 -15.71 2.57 -0.28
C ALA A 270 -16.68 1.40 -0.14
N GLU A 271 -16.44 0.51 0.82
CA GLU A 271 -17.30 -0.66 1.01
C GLU A 271 -18.66 -0.32 1.58
N ASP A 272 -18.88 0.93 1.98
CA ASP A 272 -20.13 1.33 2.62
C ASP A 272 -21.22 1.68 1.62
N PHE A 273 -20.91 1.69 0.32
CA PHE A 273 -21.85 2.10 -0.70
C PHE A 273 -22.10 0.95 -1.68
N GLN A 274 -23.35 0.84 -2.13
CA GLN A 274 -23.73 -0.19 -3.09
C GLN A 274 -24.80 0.38 -4.00
N ILE A 275 -24.51 0.42 -5.31
CA ILE A 275 -25.48 0.83 -6.31
C ILE A 275 -26.29 -0.40 -6.71
N GLU A 276 -27.61 -0.32 -6.57
CA GLU A 276 -28.51 -1.44 -6.82
C GLU A 276 -29.36 -1.14 -8.04
N GLY A 277 -29.24 -2.00 -9.06
CA GLY A 277 -30.10 -1.90 -10.23
C GLY A 277 -29.64 -0.90 -11.26
N TYR A 278 -28.33 -0.80 -11.49
CA TYR A 278 -27.77 0.11 -12.50
C TYR A 278 -27.56 -0.69 -13.79
N ASN A 279 -28.45 -0.48 -14.76
CA ASN A 279 -28.40 -1.13 -16.06
C ASN A 279 -28.23 -0.06 -17.13
N PRO A 280 -27.00 0.40 -17.36
CA PRO A 280 -26.78 1.44 -18.36
C PRO A 280 -26.52 0.88 -19.75
N HIS A 281 -26.63 1.76 -20.74
CA HIS A 281 -26.20 1.45 -22.09
C HIS A 281 -24.68 1.34 -22.12
N PRO A 282 -24.11 0.80 -23.20
CA PRO A 282 -22.66 0.66 -23.28
C PRO A 282 -21.92 1.97 -23.03
N THR A 283 -20.66 1.84 -22.57
CA THR A 283 -19.83 3.01 -22.34
C THR A 283 -19.55 3.72 -23.65
N ILE A 284 -19.34 5.03 -23.58
CA ILE A 284 -18.98 5.83 -24.74
C ILE A 284 -17.76 6.66 -24.32
N LYS A 285 -16.57 6.15 -24.63
CA LYS A 285 -15.35 6.86 -24.30
C LYS A 285 -15.23 8.10 -25.19
N MET A 286 -15.04 9.26 -24.55
CA MET A 286 -14.90 10.53 -25.22
C MET A 286 -13.58 11.16 -24.85
N GLU A 287 -12.86 11.69 -25.84
CA GLU A 287 -11.53 12.23 -25.60
C GLU A 287 -11.60 13.46 -24.71
N MET A 288 -10.65 13.56 -23.78
CA MET A 288 -10.54 14.71 -22.91
C MET A 288 -9.71 15.79 -23.60
N ALA A 289 -10.03 17.04 -23.29
CA ALA A 289 -9.34 18.19 -23.87
C ALA A 289 -8.42 18.78 -22.82
N VAL A 290 -7.12 18.54 -22.98
CA VAL A 290 -6.11 19.04 -22.07
C VAL A 290 -5.29 20.14 -22.74
N SER B 6 2.05 40.96 24.04
CA SER B 6 3.30 40.49 24.65
C SER B 6 4.24 39.91 23.61
N GLU B 7 3.76 39.78 22.36
CA GLU B 7 4.61 39.30 21.29
C GLU B 7 5.69 40.30 20.88
N LEU B 8 5.47 41.59 21.15
CA LEU B 8 6.48 42.60 20.86
C LEU B 8 7.76 42.39 21.66
N GLN B 9 7.69 41.63 22.75
CA GLN B 9 8.89 41.32 23.53
C GLN B 9 9.83 40.41 22.75
N TYR B 10 9.28 39.35 22.13
CA TYR B 10 10.10 38.47 21.30
C TYR B 10 10.71 39.25 20.13
N LEU B 11 9.93 40.12 19.50
CA LEU B 11 10.48 40.94 18.43
C LEU B 11 11.54 41.90 18.96
N GLY B 12 11.31 42.45 20.15
CA GLY B 12 12.30 43.32 20.76
C GLY B 12 13.59 42.60 21.12
N GLN B 13 13.49 41.29 21.43
CA GLN B 13 14.68 40.50 21.67
C GLN B 13 15.41 40.17 20.37
N ILE B 14 14.65 39.95 19.29
CA ILE B 14 15.27 39.73 17.99
C ILE B 14 15.98 40.99 17.54
N GLN B 15 15.33 42.15 17.70
CA GLN B 15 15.92 43.41 17.27
C GLN B 15 17.12 43.79 18.14
N HIS B 16 17.12 43.37 19.41
CA HIS B 16 18.25 43.67 20.27
C HIS B 16 19.45 42.79 19.97
N ILE B 17 19.22 41.53 19.57
CA ILE B 17 20.33 40.66 19.22
C ILE B 17 20.93 41.05 17.88
N LEU B 18 20.09 41.46 16.93
CA LEU B 18 20.60 41.87 15.62
C LEU B 18 21.41 43.16 15.71
N ARG B 19 21.07 44.03 16.66
CA ARG B 19 21.73 45.33 16.78
C ARG B 19 22.85 45.34 17.81
N CYS B 20 22.73 44.57 18.90
CA CYS B 20 23.72 44.58 19.97
C CYS B 20 24.37 43.21 20.20
N GLY B 21 23.97 42.19 19.46
CA GLY B 21 24.56 40.88 19.67
C GLY B 21 25.98 40.79 19.16
N VAL B 22 26.76 39.91 19.78
CA VAL B 22 28.15 39.70 19.42
C VAL B 22 28.25 38.42 18.61
N ARG B 23 29.18 38.41 17.65
CA ARG B 23 29.41 37.22 16.83
C ARG B 23 30.19 36.18 17.63
N LYS B 24 29.75 34.92 17.52
CA LYS B 24 30.36 33.84 18.29
C LYS B 24 30.10 32.52 17.58
N ASP B 25 31.12 31.68 17.52
CA ASP B 25 30.97 30.37 16.93
C ASP B 25 30.14 29.48 17.84
N ASP B 26 29.76 28.31 17.33
CA ASP B 26 28.90 27.40 18.07
C ASP B 26 29.28 25.97 17.73
N ARG B 27 28.58 25.02 18.34
CA ARG B 27 28.89 23.61 18.11
C ARG B 27 28.71 23.24 16.65
N THR B 28 27.65 23.75 16.02
CA THR B 28 27.47 23.56 14.59
C THR B 28 28.41 24.50 13.82
N GLY B 29 28.59 24.20 12.54
CA GLY B 29 29.49 24.98 11.71
C GLY B 29 28.90 26.23 11.09
N THR B 30 27.75 26.70 11.58
CA THR B 30 27.09 27.84 10.95
C THR B 30 27.52 29.18 11.53
N GLY B 31 27.27 29.40 12.83
CA GLY B 31 27.63 30.66 13.45
C GLY B 31 26.43 31.37 14.02
N THR B 32 26.63 32.20 15.05
CA THR B 32 25.51 32.88 15.70
C THR B 32 25.89 34.30 16.07
N LEU B 33 24.85 35.12 16.26
CA LEU B 33 24.95 36.39 16.98
C LEU B 33 24.27 36.18 18.33
N SER B 34 25.02 36.33 19.41
CA SER B 34 24.56 35.89 20.72
C SER B 34 24.49 37.05 21.71
N VAL B 35 23.56 36.93 22.64
CA VAL B 35 23.45 37.81 23.81
C VAL B 35 23.15 36.92 25.01
N PHE B 36 23.88 37.11 26.10
CA PHE B 36 23.75 36.27 27.28
C PHE B 36 22.93 36.98 28.34
N GLY B 37 21.81 36.38 28.72
CA GLY B 37 21.00 36.90 29.80
C GLY B 37 19.88 37.81 29.34
N MET B 38 18.70 37.24 29.10
CA MET B 38 17.51 38.01 28.74
C MET B 38 16.32 37.45 29.50
N GLN B 39 15.29 38.29 29.66
CA GLN B 39 14.09 37.86 30.35
C GLN B 39 12.88 38.58 29.78
N ALA B 40 11.84 37.81 29.49
CA ALA B 40 10.57 38.33 28.99
C ALA B 40 9.43 37.67 29.74
N ARG B 41 8.32 38.39 29.86
CA ARG B 41 7.15 37.93 30.58
C ARG B 41 5.97 37.92 29.62
N TYR B 42 5.42 36.74 29.38
CA TYR B 42 4.28 36.56 28.49
C TYR B 42 3.04 36.25 29.32
N SER B 43 2.04 37.12 29.23
CA SER B 43 0.81 36.92 30.01
C SER B 43 -0.02 35.80 29.41
N LEU B 44 -0.47 34.88 30.26
CA LEU B 44 -1.31 33.77 29.86
C LEU B 44 -2.78 34.01 30.17
N ARG B 45 -3.14 35.21 30.60
CA ARG B 45 -4.50 35.50 31.06
C ARG B 45 -5.39 35.79 29.85
N ASP B 46 -6.28 34.86 29.55
CA ASP B 46 -7.23 34.97 28.45
C ASP B 46 -6.53 35.11 27.11
N GLU B 47 -5.30 34.63 27.01
CA GLU B 47 -4.56 34.65 25.75
C GLU B 47 -3.45 33.61 25.80
N PHE B 48 -3.15 33.03 24.64
CA PHE B 48 -2.12 32.03 24.50
C PHE B 48 -0.97 32.57 23.65
N PRO B 49 0.33 32.52 24.16
CA PRO B 49 1.47 33.10 23.41
C PRO B 49 1.91 32.23 22.24
N LEU B 50 1.04 32.09 21.25
CA LEU B 50 1.38 31.47 19.99
C LEU B 50 1.68 32.58 18.98
N LEU B 51 2.93 32.65 18.52
CA LEU B 51 3.38 33.81 17.75
C LEU B 51 2.59 33.97 16.46
N THR B 52 2.29 35.21 16.09
CA THR B 52 1.52 35.51 14.91
C THR B 52 2.31 36.15 13.78
N THR B 53 3.51 36.67 14.05
CA THR B 53 4.35 37.17 12.96
C THR B 53 4.89 36.06 12.09
N LYS B 54 4.74 34.80 12.51
CA LYS B 54 5.12 33.63 11.74
C LYS B 54 4.33 32.44 12.29
N ARG B 55 3.89 31.56 11.41
CA ARG B 55 3.14 30.39 11.85
C ARG B 55 4.04 29.46 12.65
N VAL B 56 3.59 29.12 13.86
CA VAL B 56 4.31 28.21 14.74
C VAL B 56 3.66 26.84 14.62
N PHE B 57 4.48 25.79 14.63
CA PHE B 57 3.96 24.44 14.49
C PHE B 57 3.20 24.04 15.73
N TRP B 58 1.91 24.38 15.79
CA TRP B 58 1.13 24.10 17.00
C TRP B 58 0.90 22.61 17.19
N LYS B 59 0.78 21.85 16.10
CA LYS B 59 0.66 20.40 16.23
C LYS B 59 1.94 19.80 16.81
N GLY B 60 3.10 20.34 16.42
CA GLY B 60 4.34 19.88 17.00
C GLY B 60 4.43 20.20 18.48
N VAL B 61 4.01 21.41 18.87
CA VAL B 61 4.00 21.78 20.28
C VAL B 61 3.09 20.85 21.06
N LEU B 62 1.91 20.57 20.52
CA LEU B 62 0.94 19.76 21.25
C LEU B 62 1.37 18.30 21.33
N GLU B 63 1.92 17.76 20.24
CA GLU B 63 2.31 16.35 20.24
C GLU B 63 3.61 16.11 21.00
N GLU B 64 4.55 17.06 20.98
CA GLU B 64 5.81 16.85 21.68
C GLU B 64 5.63 16.92 23.19
N LEU B 65 4.74 17.79 23.66
CA LEU B 65 4.52 17.89 25.10
C LEU B 65 3.84 16.63 25.64
N LEU B 66 2.83 16.14 24.92
CA LEU B 66 2.24 14.84 25.27
C LEU B 66 3.29 13.74 25.19
N TRP B 67 4.26 13.88 24.27
CA TRP B 67 5.39 12.97 24.19
C TRP B 67 6.33 13.14 25.38
N PHE B 68 6.49 14.37 25.88
CA PHE B 68 7.28 14.59 27.10
C PHE B 68 6.58 13.99 28.31
N ILE B 69 5.28 14.27 28.46
CA ILE B 69 4.54 13.85 29.65
C ILE B 69 4.51 12.34 29.78
N LYS B 70 4.33 11.62 28.67
CA LYS B 70 4.34 10.16 28.71
C LYS B 70 5.69 9.59 29.07
N GLY B 71 6.74 10.41 29.12
CA GLY B 71 8.07 9.95 29.45
C GLY B 71 8.82 9.29 28.32
N SER B 72 8.30 9.36 27.09
CA SER B 72 8.94 8.69 25.97
C SER B 72 10.16 9.47 25.51
N THR B 73 11.23 8.73 25.20
CA THR B 73 12.44 9.29 24.61
C THR B 73 12.69 8.73 23.22
N ASN B 74 11.67 8.16 22.60
CA ASN B 74 11.76 7.56 21.27
C ASN B 74 11.36 8.59 20.23
N ALA B 75 12.30 8.97 19.37
CA ALA B 75 11.99 9.93 18.31
C ALA B 75 11.04 9.32 17.28
N LYS B 76 11.14 8.00 17.06
CA LYS B 76 10.22 7.35 16.13
C LYS B 76 8.80 7.35 16.64
N GLU B 77 8.62 7.35 17.97
CA GLU B 77 7.28 7.43 18.53
C GLU B 77 6.63 8.78 18.24
N LEU B 78 7.41 9.86 18.31
CA LEU B 78 6.91 11.18 17.98
C LEU B 78 6.81 11.39 16.48
N SER B 79 7.75 10.82 15.71
CA SER B 79 7.74 10.99 14.27
C SER B 79 6.55 10.28 13.63
N SER B 80 6.04 9.23 14.28
CA SER B 80 4.86 8.55 13.77
C SER B 80 3.59 9.39 13.94
N LYS B 81 3.69 10.54 14.61
CA LYS B 81 2.55 11.43 14.79
C LYS B 81 2.57 12.60 13.80
N GLY B 82 3.63 12.74 13.02
CA GLY B 82 3.76 13.85 12.09
C GLY B 82 4.73 14.93 12.51
N VAL B 83 5.42 14.76 13.64
CA VAL B 83 6.35 15.75 14.16
C VAL B 83 7.76 15.16 14.04
N LYS B 84 8.52 15.65 13.07
CA LYS B 84 9.86 15.14 12.78
C LYS B 84 10.96 16.09 13.25
N ILE B 85 10.73 16.79 14.35
CA ILE B 85 11.71 17.78 14.81
C ILE B 85 12.90 17.15 15.51
N TRP B 86 12.78 15.90 15.97
CA TRP B 86 13.87 15.21 16.63
C TRP B 86 14.50 14.11 15.79
N ASP B 87 14.04 13.90 14.56
CA ASP B 87 14.61 12.84 13.73
C ASP B 87 16.06 13.13 13.36
N ALA B 88 16.45 14.40 13.28
CA ALA B 88 17.84 14.72 12.97
C ALA B 88 18.76 14.32 14.11
N ASN B 89 18.32 14.51 15.35
CA ASN B 89 19.15 14.18 16.51
C ASN B 89 19.07 12.70 16.88
N GLY B 90 18.07 11.98 16.37
CA GLY B 90 17.94 10.56 16.61
C GLY B 90 18.31 9.69 15.43
N SER B 91 18.90 10.27 14.39
CA SER B 91 19.27 9.53 13.19
C SER B 91 20.55 8.73 13.44
N ARG B 92 20.74 7.70 12.62
CA ARG B 92 21.92 6.85 12.74
C ARG B 92 23.21 7.66 12.57
N ASP B 93 23.21 8.61 11.64
CA ASP B 93 24.41 9.40 11.38
C ASP B 93 24.78 10.25 12.61
N PHE B 94 23.78 10.84 13.26
CA PHE B 94 24.07 11.71 14.40
C PHE B 94 24.40 10.93 15.66
N LEU B 95 23.80 9.74 15.84
CA LEU B 95 24.11 8.95 17.03
C LEU B 95 25.53 8.41 16.97
N ASP B 96 25.94 7.89 15.81
CA ASP B 96 27.30 7.36 15.68
C ASP B 96 28.35 8.46 15.76
N SER B 97 27.96 9.71 15.50
CA SER B 97 28.90 10.82 15.62
C SER B 97 29.25 11.14 17.06
N LEU B 98 28.37 10.79 18.01
CA LEU B 98 28.60 11.05 19.42
C LEU B 98 29.05 9.82 20.17
N GLY B 99 29.53 8.80 19.45
CA GLY B 99 29.98 7.58 20.07
C GLY B 99 28.88 6.59 20.38
N PHE B 100 27.62 6.97 20.16
CA PHE B 100 26.49 6.07 20.41
C PHE B 100 26.36 5.18 19.18
N SER B 101 27.03 4.03 19.21
CA SER B 101 27.02 3.10 18.10
C SER B 101 26.18 1.87 18.37
N THR B 102 25.79 1.61 19.62
CA THR B 102 24.99 0.45 19.94
C THR B 102 23.52 0.78 20.13
N ARG B 103 23.14 2.05 19.94
CA ARG B 103 21.75 2.46 20.00
C ARG B 103 21.10 2.23 18.65
N GLU B 104 19.78 2.05 18.66
CA GLU B 104 19.09 1.88 17.38
C GLU B 104 18.82 3.25 16.77
N GLU B 105 17.75 3.37 16.00
CA GLU B 105 17.39 4.62 15.34
C GLU B 105 16.35 5.36 16.17
N GLY B 106 16.74 6.52 16.68
CA GLY B 106 15.85 7.35 17.46
C GLY B 106 15.97 7.24 18.96
N ASP B 107 17.10 6.76 19.47
CA ASP B 107 17.34 6.70 20.92
C ASP B 107 18.00 8.00 21.33
N LEU B 108 17.18 8.96 21.78
CA LEU B 108 17.71 10.25 22.19
C LEU B 108 18.44 10.20 23.53
N GLY B 109 18.30 9.12 24.29
CA GLY B 109 18.92 9.01 25.59
C GLY B 109 17.99 9.46 26.70
N PRO B 110 18.54 9.75 27.87
CA PRO B 110 17.71 10.27 28.97
C PRO B 110 17.48 11.76 28.82
N VAL B 111 16.41 12.12 28.10
CA VAL B 111 16.13 13.51 27.77
C VAL B 111 14.85 13.97 28.47
N TYR B 112 14.24 15.04 27.95
CA TYR B 112 13.18 15.75 28.66
C TYR B 112 12.10 14.81 29.19
N GLY B 113 11.75 13.79 28.42
CA GLY B 113 10.70 12.89 28.86
C GLY B 113 11.14 12.02 30.02
N PHE B 114 12.38 11.53 29.98
CA PHE B 114 12.86 10.63 31.02
C PHE B 114 13.11 11.37 32.33
N GLN B 115 13.69 12.58 32.26
CA GLN B 115 14.00 13.30 33.48
C GLN B 115 12.75 13.84 34.15
N TRP B 116 11.70 14.13 33.39
CA TRP B 116 10.47 14.65 34.00
C TRP B 116 9.78 13.61 34.85
N ARG B 117 9.85 12.34 34.45
CA ARG B 117 9.11 11.28 35.11
C ARG B 117 9.97 10.31 35.89
N HIS B 118 11.25 10.15 35.53
CA HIS B 118 12.12 9.17 36.15
C HIS B 118 13.52 9.77 36.37
N PHE B 119 13.59 10.85 37.13
CA PHE B 119 14.87 11.49 37.39
C PHE B 119 15.72 10.61 38.29
N GLY B 120 16.98 10.40 37.90
CA GLY B 120 17.91 9.62 38.68
C GLY B 120 17.89 8.14 38.37
N ALA B 121 16.84 7.64 37.72
CA ALA B 121 16.78 6.24 37.36
C ALA B 121 17.86 5.92 36.32
N GLU B 122 18.28 4.66 36.30
CA GLU B 122 19.29 4.23 35.36
C GLU B 122 18.65 3.96 34.01
N TYR B 123 19.05 4.75 33.01
CA TYR B 123 18.46 4.65 31.68
C TYR B 123 19.00 3.44 30.95
N ARG B 124 18.10 2.54 30.55
CA ARG B 124 18.48 1.37 29.75
C ARG B 124 18.38 1.70 28.27
N ASP B 125 17.15 1.75 27.75
CA ASP B 125 16.90 2.20 26.39
C ASP B 125 15.50 2.79 26.32
N MET B 126 15.08 3.14 25.11
CA MET B 126 13.81 3.85 24.96
C MET B 126 12.60 2.94 25.06
N GLU B 127 12.78 1.63 25.03
CA GLU B 127 11.67 0.69 25.12
C GLU B 127 11.52 0.07 26.50
N SER B 128 12.49 0.27 27.39
CA SER B 128 12.43 -0.32 28.72
C SER B 128 11.35 0.36 29.56
N ASP B 129 10.85 -0.39 30.55
CA ASP B 129 9.85 0.13 31.48
C ASP B 129 10.55 0.77 32.68
N TYR B 130 10.16 1.99 33.00
CA TYR B 130 10.73 2.73 34.12
C TYR B 130 9.69 3.08 35.17
N SER B 131 8.54 2.41 35.15
CA SER B 131 7.48 2.71 36.11
C SER B 131 7.95 2.41 37.52
N GLY B 132 7.79 3.41 38.41
CA GLY B 132 8.26 3.30 39.76
C GLY B 132 9.71 3.66 39.97
N GLN B 133 10.49 3.80 38.91
CA GLN B 133 11.89 4.17 39.02
C GLN B 133 12.07 5.68 38.91
N GLY B 134 13.11 6.17 39.57
CA GLY B 134 13.43 7.59 39.51
C GLY B 134 12.43 8.45 40.24
N VAL B 135 12.71 9.75 40.23
CA VAL B 135 11.86 10.74 40.87
C VAL B 135 10.89 11.29 39.83
N ASP B 136 9.59 11.28 40.15
CA ASP B 136 8.56 11.80 39.26
C ASP B 136 8.40 13.29 39.54
N GLN B 137 9.22 14.10 38.87
CA GLN B 137 9.18 15.55 39.10
C GLN B 137 7.85 16.15 38.67
N LEU B 138 7.26 15.65 37.58
CA LEU B 138 6.04 16.25 37.05
C LEU B 138 4.87 16.07 38.01
N GLN B 139 4.67 14.85 38.52
CA GLN B 139 3.58 14.63 39.46
C GLN B 139 3.86 15.27 40.81
N ARG B 140 5.14 15.34 41.20
CA ARG B 140 5.48 16.01 42.45
C ARG B 140 5.18 17.50 42.38
N VAL B 141 5.36 18.11 41.20
CA VAL B 141 5.03 19.53 41.03
C VAL B 141 3.52 19.74 41.14
N ILE B 142 2.73 18.83 40.56
CA ILE B 142 1.28 18.95 40.67
C ILE B 142 0.83 18.71 42.11
N ASP B 143 1.47 17.76 42.80
CA ASP B 143 1.12 17.50 44.19
C ASP B 143 1.47 18.69 45.08
N THR B 144 2.62 19.32 44.84
CA THR B 144 3.02 20.46 45.65
C THR B 144 2.11 21.65 45.42
N ILE B 145 1.73 21.90 44.17
CA ILE B 145 0.83 23.01 43.86
C ILE B 145 -0.53 22.80 44.52
N LYS B 146 -1.02 21.57 44.52
CA LYS B 146 -2.32 21.28 45.10
C LYS B 146 -2.29 21.38 46.62
N THR B 147 -1.24 20.87 47.25
CA THR B 147 -1.18 20.76 48.71
C THR B 147 -0.57 21.98 49.37
N ASN B 148 0.56 22.47 48.85
CA ASN B 148 1.28 23.59 49.45
C ASN B 148 1.62 24.61 48.36
N PRO B 149 0.65 25.45 47.96
CA PRO B 149 0.92 26.41 46.87
C PRO B 149 1.93 27.48 47.25
N ASP B 150 2.10 27.80 48.52
CA ASP B 150 3.09 28.78 48.93
C ASP B 150 4.52 28.28 48.83
N ASP B 151 4.72 27.02 48.44
CA ASP B 151 6.05 26.44 48.38
C ASP B 151 6.90 27.15 47.33
N ARG B 152 8.16 27.42 47.68
CA ARG B 152 9.09 28.10 46.79
C ARG B 152 10.08 27.14 46.15
N ARG B 153 9.76 25.84 46.13
CA ARG B 153 10.65 24.82 45.58
C ARG B 153 9.96 24.02 44.47
N ILE B 154 8.85 24.52 43.95
CA ILE B 154 8.11 23.82 42.90
C ILE B 154 8.92 23.87 41.61
N ILE B 155 9.89 22.96 41.48
CA ILE B 155 10.86 22.98 40.39
C ILE B 155 10.86 21.63 39.70
N MET B 156 10.90 21.66 38.37
CA MET B 156 11.09 20.47 37.55
C MET B 156 12.35 20.69 36.73
N CYS B 157 13.41 19.94 37.04
CA CYS B 157 14.71 20.11 36.43
C CYS B 157 15.03 18.94 35.52
N ALA B 158 15.53 19.25 34.31
CA ALA B 158 15.94 18.25 33.35
C ALA B 158 17.44 18.16 33.16
N TRP B 159 18.21 19.09 33.74
CA TRP B 159 19.66 19.09 33.61
C TRP B 159 20.24 18.09 34.60
N ASN B 160 20.70 16.95 34.10
CA ASN B 160 21.27 15.89 34.93
C ASN B 160 22.73 15.68 34.54
N PRO B 161 23.68 16.15 35.34
CA PRO B 161 25.10 15.91 35.01
C PRO B 161 25.47 14.43 34.98
N ARG B 162 24.76 13.58 35.71
CA ARG B 162 25.06 12.15 35.69
C ARG B 162 24.67 11.52 34.36
N ASP B 163 23.46 11.83 33.89
CA ASP B 163 22.94 11.31 32.63
C ASP B 163 23.34 12.15 31.42
N LEU B 164 24.13 13.21 31.62
CA LEU B 164 24.48 14.11 30.53
C LEU B 164 25.22 13.42 29.39
N PRO B 165 26.27 12.61 29.63
CA PRO B 165 26.99 12.01 28.50
C PRO B 165 26.19 10.98 27.70
N LEU B 166 24.98 10.63 28.14
CA LEU B 166 24.14 9.69 27.41
C LEU B 166 23.08 10.35 26.54
N MET B 167 23.03 11.68 26.50
CA MET B 167 22.01 12.39 25.74
C MET B 167 22.52 12.75 24.35
N ALA B 168 21.66 12.56 23.35
CA ALA B 168 21.97 13.02 22.00
C ALA B 168 22.08 14.53 21.97
N LEU B 169 21.22 15.21 22.72
CA LEU B 169 21.27 16.66 22.87
C LEU B 169 20.87 17.00 24.30
N PRO B 170 21.75 17.66 25.05
CA PRO B 170 21.42 18.01 26.43
C PRO B 170 20.27 18.99 26.48
N PRO B 171 19.53 19.04 27.58
CA PRO B 171 18.30 19.84 27.61
C PRO B 171 18.59 21.32 27.41
N CYS B 172 17.82 21.94 26.52
CA CYS B 172 17.90 23.39 26.32
C CYS B 172 17.00 24.12 27.31
N HIS B 173 15.75 23.70 27.45
CA HIS B 173 14.91 24.16 28.54
C HIS B 173 15.21 23.28 29.74
N ALA B 174 16.24 23.68 30.51
CA ALA B 174 16.82 22.81 31.53
C ALA B 174 16.03 22.84 32.83
N LEU B 175 15.60 24.02 33.27
CA LEU B 175 14.97 24.16 34.57
C LEU B 175 13.76 25.06 34.45
N CYS B 176 12.67 24.67 35.12
CA CYS B 176 11.47 25.49 35.18
C CYS B 176 10.90 25.46 36.59
N GLN B 177 10.29 26.57 36.99
CA GLN B 177 9.73 26.74 38.32
C GLN B 177 8.30 27.25 38.20
N PHE B 178 7.44 26.79 39.10
CA PHE B 178 6.06 27.22 39.15
C PHE B 178 5.82 28.08 40.38
N TYR B 179 4.72 28.83 40.36
CA TYR B 179 4.46 29.85 41.36
C TYR B 179 2.97 30.12 41.41
N VAL B 180 2.40 30.15 42.61
CA VAL B 180 0.96 30.29 42.79
C VAL B 180 0.69 31.46 43.73
N VAL B 181 -0.20 32.36 43.31
CA VAL B 181 -0.72 33.42 44.18
C VAL B 181 -2.04 33.89 43.58
N ASN B 182 -3.01 34.16 44.44
CA ASN B 182 -4.35 34.59 44.03
C ASN B 182 -4.95 33.64 43.01
N SER B 183 -4.74 32.34 43.25
CA SER B 183 -5.23 31.28 42.35
C SER B 183 -4.72 31.45 40.93
N GLU B 184 -3.52 31.99 40.77
CA GLU B 184 -2.89 32.17 39.46
C GLU B 184 -1.61 31.34 39.41
N LEU B 185 -1.58 30.36 38.51
CA LEU B 185 -0.40 29.54 38.31
C LEU B 185 0.50 30.20 37.27
N SER B 186 1.71 30.56 37.69
CA SER B 186 2.71 31.12 36.80
C SER B 186 3.87 30.15 36.67
N CYS B 187 4.65 30.34 35.60
CA CYS B 187 5.75 29.44 35.27
C CYS B 187 6.91 30.23 34.70
N GLN B 188 8.11 30.00 35.22
CA GLN B 188 9.33 30.57 34.67
C GLN B 188 10.24 29.45 34.18
N LEU B 189 10.79 29.65 32.99
CA LEU B 189 11.69 28.69 32.36
C LEU B 189 13.07 29.29 32.21
N TYR B 190 14.09 28.55 32.61
CA TYR B 190 15.47 28.91 32.32
C TYR B 190 15.93 28.07 31.13
N GLN B 191 16.08 28.71 29.98
CA GLN B 191 16.55 28.04 28.77
C GLN B 191 18.02 28.39 28.59
N ARG B 192 18.89 27.40 28.77
CA ARG B 192 20.33 27.62 28.69
C ARG B 192 20.78 28.00 27.28
N SER B 193 20.09 27.50 26.26
CA SER B 193 20.45 27.77 24.88
C SER B 193 19.18 28.01 24.10
N GLY B 194 19.07 29.18 23.49
CA GLY B 194 17.85 29.55 22.78
C GLY B 194 18.07 29.88 21.32
N ASP B 195 17.61 29.00 20.44
CA ASP B 195 17.54 29.28 19.01
C ASP B 195 16.41 30.28 18.80
N MET B 196 16.76 31.56 18.72
CA MET B 196 15.73 32.60 18.66
C MET B 196 14.86 32.48 17.42
N GLY B 197 15.42 31.99 16.32
CA GLY B 197 14.67 31.88 15.09
C GLY B 197 13.81 30.65 15.00
N LEU B 198 14.29 29.52 15.52
CA LEU B 198 13.64 28.24 15.34
C LEU B 198 13.01 27.73 16.64
N GLY B 199 13.81 27.48 17.67
CA GLY B 199 13.30 26.80 18.85
C GLY B 199 12.61 27.70 19.85
N VAL B 200 13.05 28.95 19.99
CA VAL B 200 12.50 29.83 21.03
C VAL B 200 11.00 30.04 20.88
N PRO B 201 10.46 30.39 19.71
CA PRO B 201 9.00 30.47 19.59
C PRO B 201 8.30 29.16 19.90
N PHE B 202 8.92 28.04 19.55
CA PHE B 202 8.35 26.73 19.86
C PHE B 202 8.33 26.48 21.36
N ASN B 203 9.41 26.84 22.06
CA ASN B 203 9.48 26.58 23.50
C ASN B 203 8.55 27.51 24.28
N ILE B 204 8.33 28.73 23.80
CA ILE B 204 7.41 29.64 24.47
C ILE B 204 6.00 29.05 24.49
N ALA B 205 5.56 28.53 23.34
CA ALA B 205 4.25 27.89 23.26
C ALA B 205 4.22 26.58 24.04
N SER B 206 5.36 25.88 24.11
CA SER B 206 5.40 24.58 24.79
C SER B 206 5.12 24.72 26.28
N TYR B 207 5.89 25.56 26.97
CA TYR B 207 5.73 25.69 28.41
C TYR B 207 4.49 26.50 28.78
N ALA B 208 3.98 27.33 27.88
CA ALA B 208 2.68 27.94 28.10
C ALA B 208 1.57 26.88 28.08
N LEU B 209 1.65 25.94 27.13
CA LEU B 209 0.69 24.84 27.11
C LEU B 209 0.81 23.98 28.35
N LEU B 210 2.03 23.72 28.80
CA LEU B 210 2.23 22.96 30.04
C LEU B 210 1.63 23.69 31.24
N THR B 211 1.74 25.02 31.26
CA THR B 211 1.17 25.79 32.36
C THR B 211 -0.36 25.73 32.33
N TYR B 212 -0.95 25.75 31.14
CA TYR B 212 -2.40 25.64 31.04
C TYR B 212 -2.88 24.27 31.52
N MET B 213 -2.14 23.21 31.19
CA MET B 213 -2.54 21.87 31.60
C MET B 213 -2.47 21.71 33.12
N ILE B 214 -1.38 22.16 33.73
CA ILE B 214 -1.25 22.02 35.17
C ILE B 214 -2.23 22.92 35.89
N ALA B 215 -2.54 24.09 35.32
CA ALA B 215 -3.55 24.96 35.91
C ALA B 215 -4.95 24.37 35.79
N HIS B 216 -5.20 23.60 34.73
CA HIS B 216 -6.50 22.96 34.58
C HIS B 216 -6.68 21.85 35.60
N ILE B 217 -5.60 21.13 35.91
CA ILE B 217 -5.66 20.03 36.86
C ILE B 217 -5.79 20.56 38.28
N THR B 218 -4.95 21.51 38.65
CA THR B 218 -4.94 22.05 40.00
C THR B 218 -6.07 23.04 40.26
N GLY B 219 -6.87 23.38 39.25
CA GLY B 219 -7.97 24.30 39.44
C GLY B 219 -7.54 25.74 39.61
N LEU B 220 -6.50 26.17 38.90
CA LEU B 220 -5.97 27.51 38.99
C LEU B 220 -6.08 28.21 37.65
N LYS B 221 -5.88 29.54 37.67
CA LYS B 221 -5.90 30.27 36.41
C LYS B 221 -4.48 30.53 35.91
N PRO B 222 -4.24 30.43 34.61
CA PRO B 222 -2.90 30.74 34.09
C PRO B 222 -2.55 32.20 34.35
N GLY B 223 -1.33 32.43 34.83
CA GLY B 223 -0.87 33.77 35.10
C GLY B 223 0.09 34.29 34.06
N ASP B 224 1.39 34.25 34.38
CA ASP B 224 2.44 34.69 33.48
C ASP B 224 3.35 33.52 33.13
N PHE B 225 4.05 33.66 32.01
CA PHE B 225 5.12 32.75 31.63
C PHE B 225 6.38 33.58 31.47
N ILE B 226 7.33 33.43 32.38
CA ILE B 226 8.58 34.17 32.36
C ILE B 226 9.61 33.35 31.59
N HIS B 227 10.11 33.92 30.49
CA HIS B 227 11.05 33.23 29.62
C HIS B 227 12.45 33.80 29.86
N THR B 228 13.23 33.11 30.68
CA THR B 228 14.60 33.50 30.96
C THR B 228 15.55 32.72 30.07
N LEU B 229 16.44 33.43 29.39
CA LEU B 229 17.35 32.82 28.44
C LEU B 229 18.79 32.95 28.90
N GLY B 230 19.59 31.93 28.59
CA GLY B 230 21.03 31.98 28.77
C GLY B 230 21.71 32.48 27.51
N ASP B 231 22.15 31.57 26.66
CA ASP B 231 22.74 31.93 25.37
C ASP B 231 21.59 32.10 24.38
N ALA B 232 21.14 33.33 24.20
CA ALA B 232 20.14 33.66 23.19
C ALA B 232 20.89 34.04 21.91
N HIS B 233 20.77 33.20 20.88
CA HIS B 233 21.55 33.36 19.66
C HIS B 233 20.64 33.36 18.44
N ILE B 234 21.12 34.03 17.39
CA ILE B 234 20.49 34.05 16.08
C ILE B 234 21.48 33.52 15.07
N TYR B 235 21.15 32.40 14.44
CA TYR B 235 22.04 31.81 13.45
C TYR B 235 22.20 32.73 12.23
N LEU B 236 23.35 32.59 11.56
CA LEU B 236 23.65 33.47 10.44
C LEU B 236 22.65 33.29 9.30
N ASN B 237 22.23 32.05 9.04
CA ASN B 237 21.23 31.78 8.03
C ASN B 237 19.81 32.06 8.50
N HIS B 238 19.66 32.76 9.64
CA HIS B 238 18.35 33.20 10.11
C HIS B 238 18.22 34.71 10.14
N ILE B 239 19.29 35.45 9.84
CA ILE B 239 19.25 36.91 9.96
C ILE B 239 18.27 37.50 8.97
N GLU B 240 18.38 37.11 7.69
CA GLU B 240 17.45 37.62 6.68
C GLU B 240 16.02 37.16 6.91
N PRO B 241 15.74 35.87 7.18
CA PRO B 241 14.35 35.49 7.48
C PRO B 241 13.78 36.18 8.69
N LEU B 242 14.60 36.51 9.69
CA LEU B 242 14.10 37.21 10.87
C LEU B 242 13.90 38.70 10.61
N LYS B 243 14.73 39.31 9.74
CA LYS B 243 14.52 40.71 9.38
C LYS B 243 13.24 40.90 8.59
N ILE B 244 12.78 39.85 7.90
CA ILE B 244 11.48 39.91 7.24
C ILE B 244 10.36 39.76 8.26
N GLN B 245 10.55 38.88 9.25
CA GLN B 245 9.56 38.72 10.30
C GLN B 245 9.47 39.98 11.16
N LEU B 246 10.58 40.73 11.28
CA LEU B 246 10.59 41.89 12.16
C LEU B 246 9.74 43.03 11.61
N GLN B 247 9.64 43.16 10.28
CA GLN B 247 8.80 44.21 9.71
C GLN B 247 7.32 43.84 9.69
N ARG B 248 6.97 42.60 10.00
CA ARG B 248 5.58 42.19 10.04
C ARG B 248 4.95 42.63 11.36
N GLU B 249 3.72 43.14 11.26
CA GLU B 249 3.02 43.60 12.46
C GLU B 249 2.38 42.42 13.19
N PRO B 250 2.54 42.32 14.50
CA PRO B 250 1.90 41.23 15.25
C PRO B 250 0.39 41.37 15.24
N ARG B 251 -0.28 40.24 15.39
CA ARG B 251 -1.71 40.17 15.53
C ARG B 251 -2.06 39.69 16.93
N PRO B 252 -3.30 39.89 17.39
CA PRO B 252 -3.65 39.48 18.76
C PRO B 252 -3.42 37.98 18.97
N PHE B 253 -2.97 37.64 20.17
CA PHE B 253 -2.72 36.25 20.50
C PHE B 253 -4.03 35.46 20.42
N PRO B 254 -3.96 34.17 20.07
CA PRO B 254 -5.17 33.33 20.10
C PRO B 254 -5.57 32.96 21.52
N LYS B 255 -6.54 32.05 21.64
CA LYS B 255 -6.95 31.54 22.94
C LYS B 255 -6.91 30.02 22.93
N LEU B 256 -6.66 29.44 24.09
CA LEU B 256 -6.60 27.99 24.26
C LEU B 256 -7.77 27.54 25.11
N ARG B 257 -8.56 26.62 24.57
CA ARG B 257 -9.73 26.09 25.26
C ARG B 257 -9.53 24.61 25.54
N ILE B 258 -9.85 24.19 26.77
CA ILE B 258 -9.80 22.79 27.15
C ILE B 258 -11.22 22.22 27.03
N LEU B 259 -11.38 21.20 26.20
CA LEU B 259 -12.70 20.73 25.82
C LEU B 259 -13.33 19.79 26.84
N ARG B 260 -12.56 19.25 27.78
CA ARG B 260 -13.12 18.34 28.79
C ARG B 260 -12.29 18.47 30.06
N LYS B 261 -12.95 18.21 31.19
CA LYS B 261 -12.27 18.22 32.47
C LYS B 261 -11.41 16.97 32.61
N VAL B 262 -10.11 17.17 32.80
CA VAL B 262 -9.15 16.08 32.94
C VAL B 262 -8.57 16.12 34.35
N GLU B 263 -8.47 14.95 34.98
CA GLU B 263 -8.03 14.86 36.37
C GLU B 263 -6.52 14.68 36.50
N LYS B 264 -5.92 13.80 35.70
CA LYS B 264 -4.50 13.51 35.77
C LYS B 264 -3.79 14.08 34.55
N ILE B 265 -2.48 14.34 34.72
CA ILE B 265 -1.70 14.92 33.63
C ILE B 265 -1.49 13.92 32.51
N ASP B 266 -1.55 12.62 32.81
CA ASP B 266 -1.36 11.59 31.79
C ASP B 266 -2.60 11.39 30.92
N ASP B 267 -3.76 11.83 31.37
CA ASP B 267 -5.01 11.59 30.66
C ASP B 267 -5.33 12.64 29.61
N PHE B 268 -4.43 13.58 29.36
CA PHE B 268 -4.64 14.57 28.31
C PHE B 268 -4.33 13.97 26.96
N LYS B 269 -5.25 14.13 26.01
CA LYS B 269 -5.07 13.70 24.64
C LYS B 269 -5.03 14.92 23.72
N ALA B 270 -4.52 14.72 22.51
CA ALA B 270 -4.39 15.82 21.57
C ALA B 270 -5.75 16.41 21.20
N GLU B 271 -6.80 15.58 21.21
CA GLU B 271 -8.13 16.06 20.86
C GLU B 271 -8.77 16.91 21.94
N ASP B 272 -8.13 17.04 23.10
CA ASP B 272 -8.68 17.81 24.21
C ASP B 272 -8.36 19.30 24.14
N PHE B 273 -7.57 19.72 23.16
CA PHE B 273 -7.12 21.11 23.05
C PHE B 273 -7.62 21.71 21.74
N GLN B 274 -7.97 22.99 21.78
CA GLN B 274 -8.42 23.70 20.60
C GLN B 274 -7.93 25.15 20.67
N ILE B 275 -7.13 25.54 19.68
CA ILE B 275 -6.67 26.92 19.56
C ILE B 275 -7.72 27.70 18.77
N GLU B 276 -8.22 28.78 19.35
CA GLU B 276 -9.30 29.57 18.76
C GLU B 276 -8.76 30.93 18.36
N GLY B 277 -8.84 31.25 17.07
CA GLY B 277 -8.46 32.56 16.61
C GLY B 277 -6.99 32.76 16.36
N TYR B 278 -6.31 31.75 15.81
CA TYR B 278 -4.88 31.87 15.49
C TYR B 278 -4.77 32.28 14.02
N ASN B 279 -4.46 33.56 13.80
CA ASN B 279 -4.32 34.13 12.45
C ASN B 279 -2.88 34.60 12.27
N PRO B 280 -1.96 33.70 11.93
CA PRO B 280 -0.57 34.08 11.75
C PRO B 280 -0.25 34.51 10.33
N HIS B 281 0.89 35.18 10.19
CA HIS B 281 1.47 35.49 8.90
C HIS B 281 1.93 34.19 8.23
N PRO B 282 2.22 34.23 6.92
CA PRO B 282 2.75 33.03 6.26
C PRO B 282 4.00 32.51 6.98
N THR B 283 4.25 31.21 6.82
CA THR B 283 5.42 30.59 7.45
C THR B 283 6.72 31.17 6.88
N ILE B 284 7.77 31.09 7.68
CA ILE B 284 9.11 31.51 7.29
C ILE B 284 10.03 30.34 7.62
N LYS B 285 10.32 29.51 6.61
CA LYS B 285 11.16 28.34 6.84
C LYS B 285 12.58 28.76 7.17
N MET B 286 13.09 28.25 8.30
CA MET B 286 14.45 28.52 8.75
C MET B 286 15.16 27.20 8.96
N GLU B 287 16.37 27.09 8.41
CA GLU B 287 17.11 25.83 8.44
C GLU B 287 17.58 25.51 9.86
N MET B 288 17.51 24.23 10.21
CA MET B 288 18.02 23.75 11.48
C MET B 288 19.51 23.45 11.35
N ALA B 289 20.25 23.69 12.43
CA ALA B 289 21.68 23.46 12.46
C ALA B 289 21.95 22.23 13.33
N VAL B 290 22.28 21.11 12.67
CA VAL B 290 22.57 19.87 13.37
C VAL B 290 23.80 20.02 14.26
N SER C 6 18.04 -21.47 29.72
CA SER C 6 18.66 -22.07 28.55
C SER C 6 19.39 -21.03 27.71
N GLU C 7 19.28 -19.76 28.11
CA GLU C 7 20.02 -18.71 27.42
C GLU C 7 21.52 -18.82 27.69
N LEU C 8 21.91 -19.45 28.81
CA LEU C 8 23.33 -19.66 29.07
C LEU C 8 24.00 -20.52 28.02
N GLN C 9 23.23 -21.29 27.24
CA GLN C 9 23.82 -22.07 26.17
C GLN C 9 24.34 -21.17 25.06
N TYR C 10 23.54 -20.21 24.62
CA TYR C 10 24.03 -19.24 23.64
C TYR C 10 25.19 -18.44 24.20
N LEU C 11 25.09 -18.02 25.46
CA LEU C 11 26.18 -17.28 26.08
C LEU C 11 27.42 -18.15 26.24
N GLY C 12 27.23 -19.42 26.59
CA GLY C 12 28.36 -20.33 26.67
C GLY C 12 29.04 -20.57 25.35
N GLN C 13 28.29 -20.47 24.25
CA GLN C 13 28.90 -20.59 22.92
C GLN C 13 29.68 -19.35 22.55
N ILE C 14 29.22 -18.17 22.99
CA ILE C 14 29.97 -16.94 22.75
C ILE C 14 31.29 -16.96 23.51
N GLN C 15 31.24 -17.37 24.78
CA GLN C 15 32.46 -17.40 25.59
C GLN C 15 33.45 -18.44 25.10
N HIS C 16 32.96 -19.54 24.52
CA HIS C 16 33.86 -20.56 23.99
C HIS C 16 34.53 -20.12 22.70
N ILE C 17 33.84 -19.31 21.90
CA ILE C 17 34.45 -18.79 20.68
C ILE C 17 35.45 -17.70 21.01
N LEU C 18 35.15 -16.85 22.01
CA LEU C 18 36.06 -15.78 22.38
C LEU C 18 37.32 -16.30 23.04
N ARG C 19 37.23 -17.42 23.77
CA ARG C 19 38.37 -17.95 24.51
C ARG C 19 39.13 -19.03 23.77
N CYS C 20 38.44 -19.87 23.00
CA CYS C 20 39.06 -21.00 22.32
C CYS C 20 38.92 -20.95 20.80
N GLY C 21 38.25 -19.94 20.26
CA GLY C 21 38.09 -19.86 18.82
C GLY C 21 39.38 -19.49 18.10
N VAL C 22 39.48 -19.91 16.85
CA VAL C 22 40.68 -19.66 16.05
C VAL C 22 40.42 -18.49 15.12
N ARG C 23 41.48 -17.72 14.88
CA ARG C 23 41.43 -16.58 13.97
C ARG C 23 41.45 -17.03 12.52
N LYS C 24 40.57 -16.46 11.70
CA LYS C 24 40.48 -16.84 10.30
C LYS C 24 39.81 -15.70 9.52
N ASP C 25 40.34 -15.41 8.33
CA ASP C 25 39.75 -14.39 7.48
C ASP C 25 38.43 -14.89 6.89
N ASP C 26 37.69 -13.99 6.25
CA ASP C 26 36.37 -14.33 5.73
C ASP C 26 36.12 -13.56 4.44
N ARG C 27 34.94 -13.81 3.86
CA ARG C 27 34.57 -13.21 2.59
C ARG C 27 34.46 -11.70 2.69
N THR C 28 33.89 -11.19 3.79
CA THR C 28 33.71 -9.76 3.95
C THR C 28 35.01 -9.01 4.20
N GLY C 29 36.02 -9.68 4.73
CA GLY C 29 37.29 -9.05 5.01
C GLY C 29 37.41 -8.38 6.35
N THR C 30 36.47 -8.61 7.27
CA THR C 30 36.50 -8.00 8.59
C THR C 30 37.19 -8.87 9.62
N GLY C 31 37.48 -10.13 9.29
CA GLY C 31 38.11 -11.06 10.21
C GLY C 31 37.12 -11.64 11.21
N THR C 32 37.38 -12.87 11.67
CA THR C 32 36.48 -13.55 12.59
C THR C 32 37.28 -14.37 13.58
N LEU C 33 36.65 -14.68 14.70
CA LEU C 33 37.05 -15.77 15.59
C LEU C 33 36.00 -16.86 15.43
N SER C 34 36.44 -18.03 14.94
CA SER C 34 35.51 -19.05 14.50
C SER C 34 35.70 -20.35 15.29
N VAL C 35 34.61 -21.09 15.42
CA VAL C 35 34.62 -22.46 15.92
C VAL C 35 33.66 -23.27 15.05
N PHE C 36 34.10 -24.44 14.60
CA PHE C 36 33.32 -25.29 13.72
C PHE C 36 32.68 -26.42 14.52
N GLY C 37 31.36 -26.49 14.51
CA GLY C 37 30.63 -27.57 15.13
C GLY C 37 30.17 -27.29 16.55
N MET C 38 28.95 -26.77 16.68
CA MET C 38 28.33 -26.51 17.98
C MET C 38 26.88 -26.93 17.93
N GLN C 39 26.31 -27.21 19.10
CA GLN C 39 24.90 -27.58 19.20
C GLN C 39 24.35 -27.14 20.54
N ALA C 40 23.18 -26.51 20.50
CA ALA C 40 22.48 -26.06 21.69
C ALA C 40 21.02 -26.45 21.61
N ARG C 41 20.41 -26.66 22.78
CA ARG C 41 19.02 -27.10 22.88
C ARG C 41 18.23 -26.06 23.65
N TYR C 42 17.27 -25.43 22.97
CA TYR C 42 16.42 -24.42 23.59
C TYR C 42 15.01 -24.99 23.72
N SER C 43 14.53 -25.11 24.96
CA SER C 43 13.20 -25.66 25.19
C SER C 43 12.14 -24.63 24.81
N LEU C 44 11.13 -25.07 24.06
CA LEU C 44 10.03 -24.22 23.65
C LEU C 44 8.79 -24.44 24.50
N ARG C 45 8.90 -25.19 25.59
CA ARG C 45 7.74 -25.56 26.41
C ARG C 45 7.42 -24.43 27.37
N ASP C 46 6.29 -23.76 27.12
CA ASP C 46 5.79 -22.66 27.96
C ASP C 46 6.78 -21.50 28.05
N GLU C 47 7.65 -21.37 27.06
CA GLU C 47 8.58 -20.24 27.00
C GLU C 47 9.07 -20.11 25.56
N PHE C 48 9.34 -18.86 25.17
CA PHE C 48 9.84 -18.60 23.82
C PHE C 48 11.26 -18.07 23.91
N PRO C 49 12.24 -18.70 23.16
CA PRO C 49 13.66 -18.31 23.27
C PRO C 49 13.98 -16.99 22.57
N LEU C 50 13.41 -15.92 23.07
CA LEU C 50 13.75 -14.57 22.66
C LEU C 50 14.76 -14.02 23.68
N LEU C 51 15.97 -13.75 23.23
CA LEU C 51 17.07 -13.46 24.14
C LEU C 51 16.79 -12.24 25.00
N THR C 52 17.25 -12.30 26.26
CA THR C 52 17.03 -11.24 27.21
C THR C 52 18.28 -10.45 27.56
N THR C 53 19.47 -10.96 27.22
CA THR C 53 20.69 -10.17 27.40
C THR C 53 20.79 -9.02 26.40
N LYS C 54 19.93 -9.01 25.37
CA LYS C 54 19.84 -7.89 24.45
C LYS C 54 18.50 -7.97 23.76
N ARG C 55 17.91 -6.81 23.47
CA ARG C 55 16.63 -6.78 22.77
C ARG C 55 16.81 -7.25 21.34
N VAL C 56 16.01 -8.23 20.94
CA VAL C 56 16.03 -8.77 19.59
C VAL C 56 14.87 -8.19 18.81
N PHE C 57 15.10 -7.92 17.52
CA PHE C 57 14.07 -7.34 16.66
C PHE C 57 12.96 -8.34 16.43
N TRP C 58 11.97 -8.38 17.33
CA TRP C 58 10.90 -9.37 17.20
C TRP C 58 9.98 -9.06 16.03
N LYS C 59 9.79 -7.78 15.69
CA LYS C 59 8.99 -7.46 14.51
C LYS C 59 9.69 -7.94 13.25
N GLY C 60 11.01 -7.85 13.21
CA GLY C 60 11.75 -8.40 12.08
C GLY C 60 11.61 -9.91 11.98
N VAL C 61 11.70 -10.60 13.12
CA VAL C 61 11.50 -12.04 13.14
C VAL C 61 10.12 -12.40 12.63
N LEU C 62 9.10 -11.67 13.09
CA LEU C 62 7.73 -12.01 12.73
C LEU C 62 7.42 -11.68 11.28
N GLU C 63 7.91 -10.53 10.80
CA GLU C 63 7.61 -10.12 9.43
C GLU C 63 8.43 -10.89 8.40
N GLU C 64 9.66 -11.27 8.74
CA GLU C 64 10.49 -12.01 7.78
C GLU C 64 9.99 -13.43 7.61
N LEU C 65 9.49 -14.05 8.69
CA LEU C 65 8.98 -15.41 8.58
C LEU C 65 7.71 -15.46 7.74
N LEU C 66 6.79 -14.54 7.97
CA LEU C 66 5.63 -14.42 7.08
C LEU C 66 6.07 -14.09 5.66
N TRP C 67 7.17 -13.36 5.51
CA TRP C 67 7.74 -13.10 4.19
C TRP C 67 8.31 -14.37 3.58
N PHE C 68 8.87 -15.25 4.41
CA PHE C 68 9.31 -16.56 3.92
C PHE C 68 8.12 -17.42 3.51
N ILE C 69 7.08 -17.47 4.36
CA ILE C 69 5.94 -18.34 4.12
C ILE C 69 5.24 -17.96 2.82
N LYS C 70 5.12 -16.66 2.56
CA LYS C 70 4.51 -16.21 1.31
C LYS C 70 5.32 -16.58 0.08
N GLY C 71 6.56 -17.05 0.26
CA GLY C 71 7.38 -17.42 -0.87
C GLY C 71 8.01 -16.24 -1.61
N SER C 72 7.92 -15.04 -1.04
CA SER C 72 8.43 -13.86 -1.71
C SER C 72 9.94 -13.81 -1.67
N THR C 73 10.54 -13.40 -2.80
CA THR C 73 11.97 -13.16 -2.89
C THR C 73 12.27 -11.69 -3.18
N ASN C 74 11.31 -10.82 -2.97
CA ASN C 74 11.45 -9.39 -3.19
C ASN C 74 11.81 -8.69 -1.89
N ALA C 75 12.99 -8.08 -1.85
CA ALA C 75 13.42 -7.37 -0.64
C ALA C 75 12.56 -6.13 -0.38
N LYS C 76 12.05 -5.49 -1.43
CA LYS C 76 11.20 -4.33 -1.26
C LYS C 76 9.87 -4.70 -0.63
N GLU C 77 9.42 -5.94 -0.81
CA GLU C 77 8.18 -6.38 -0.17
C GLU C 77 8.32 -6.42 1.34
N LEU C 78 9.48 -6.86 1.84
CA LEU C 78 9.73 -6.85 3.27
C LEU C 78 10.08 -5.45 3.77
N SER C 79 10.78 -4.66 2.95
CA SER C 79 11.16 -3.31 3.36
C SER C 79 9.94 -2.42 3.51
N SER C 80 8.88 -2.68 2.75
CA SER C 80 7.64 -1.94 2.89
C SER C 80 6.88 -2.30 4.17
N LYS C 81 7.34 -3.30 4.91
CA LYS C 81 6.72 -3.67 6.17
C LYS C 81 7.44 -3.12 7.38
N GLY C 82 8.60 -2.47 7.19
CA GLY C 82 9.38 -1.92 8.27
C GLY C 82 10.63 -2.70 8.59
N VAL C 83 10.91 -3.79 7.88
CA VAL C 83 12.07 -4.64 8.13
C VAL C 83 13.00 -4.49 6.93
N LYS C 84 14.11 -3.76 7.13
CA LYS C 84 15.06 -3.48 6.07
C LYS C 84 16.32 -4.31 6.20
N ILE C 85 16.20 -5.55 6.69
CA ILE C 85 17.38 -6.39 6.90
C ILE C 85 17.91 -6.99 5.61
N TRP C 86 17.09 -7.03 4.56
CA TRP C 86 17.51 -7.60 3.28
C TRP C 86 17.74 -6.56 2.20
N ASP C 87 17.56 -5.26 2.50
CA ASP C 87 17.80 -4.24 1.50
C ASP C 87 19.28 -4.18 1.13
N ALA C 88 20.17 -4.56 2.05
CA ALA C 88 21.60 -4.56 1.75
C ALA C 88 21.93 -5.61 0.69
N ASN C 89 21.27 -6.77 0.73
CA ASN C 89 21.53 -7.81 -0.25
C ASN C 89 20.76 -7.60 -1.56
N GLY C 90 19.73 -6.74 -1.55
CA GLY C 90 18.98 -6.45 -2.76
C GLY C 90 19.24 -5.10 -3.39
N SER C 91 20.22 -4.34 -2.93
CA SER C 91 20.50 -3.03 -3.51
C SER C 91 21.27 -3.17 -4.81
N ARG C 92 21.17 -2.13 -5.65
CA ARG C 92 21.89 -2.12 -6.92
C ARG C 92 23.40 -2.19 -6.70
N ASP C 93 23.90 -1.50 -5.67
CA ASP C 93 25.33 -1.49 -5.42
C ASP C 93 25.86 -2.89 -5.09
N PHE C 94 25.11 -3.64 -4.29
CA PHE C 94 25.54 -4.99 -3.93
C PHE C 94 25.30 -6.00 -5.04
N LEU C 95 24.26 -5.78 -5.86
CA LEU C 95 23.95 -6.73 -6.93
C LEU C 95 25.02 -6.72 -8.02
N ASP C 96 25.47 -5.54 -8.43
CA ASP C 96 26.47 -5.45 -9.49
C ASP C 96 27.84 -5.97 -9.03
N SER C 97 28.09 -6.03 -7.73
CA SER C 97 29.34 -6.60 -7.24
C SER C 97 29.36 -8.12 -7.41
N LEU C 98 28.18 -8.74 -7.48
CA LEU C 98 28.06 -10.19 -7.63
C LEU C 98 27.73 -10.62 -9.05
N GLY C 99 27.94 -9.75 -10.05
CA GLY C 99 27.73 -10.11 -11.44
C GLY C 99 26.32 -9.95 -11.98
N PHE C 100 25.36 -9.54 -11.16
CA PHE C 100 23.97 -9.38 -11.59
C PHE C 100 23.80 -8.06 -12.33
N SER C 101 23.81 -8.11 -13.67
CA SER C 101 23.69 -6.90 -14.47
C SER C 101 22.31 -6.71 -15.08
N THR C 102 21.49 -7.76 -15.13
CA THR C 102 20.13 -7.68 -15.65
C THR C 102 19.08 -7.74 -14.55
N ARG C 103 19.49 -7.70 -13.29
CA ARG C 103 18.56 -7.81 -12.18
C ARG C 103 17.86 -6.49 -11.89
N GLU C 104 16.66 -6.61 -11.32
CA GLU C 104 15.86 -5.45 -10.95
C GLU C 104 16.28 -4.89 -9.59
N GLU C 105 15.35 -4.24 -8.89
CA GLU C 105 15.62 -3.68 -7.57
C GLU C 105 15.03 -4.63 -6.51
N GLY C 106 15.91 -5.28 -5.76
CA GLY C 106 15.47 -6.17 -4.69
C GLY C 106 15.31 -7.61 -5.09
N ASP C 107 15.95 -8.05 -6.19
CA ASP C 107 15.86 -9.43 -6.63
C ASP C 107 16.97 -10.23 -5.95
N LEU C 108 16.62 -10.85 -4.82
CA LEU C 108 17.58 -11.67 -4.10
C LEU C 108 17.89 -12.98 -4.80
N GLY C 109 17.08 -13.36 -5.78
CA GLY C 109 17.24 -14.63 -6.44
C GLY C 109 16.35 -15.68 -5.79
N PRO C 110 16.64 -16.94 -6.05
CA PRO C 110 15.85 -18.02 -5.41
C PRO C 110 16.33 -18.28 -3.99
N VAL C 111 15.74 -17.61 -3.02
CA VAL C 111 16.21 -17.68 -1.63
C VAL C 111 15.18 -18.40 -0.77
N TYR C 112 15.28 -18.22 0.55
CA TYR C 112 14.55 -19.06 1.50
C TYR C 112 13.08 -19.17 1.16
N GLY C 113 12.47 -18.08 0.70
CA GLY C 113 11.04 -18.12 0.40
C GLY C 113 10.74 -18.97 -0.80
N PHE C 114 11.58 -18.88 -1.84
CA PHE C 114 11.34 -19.66 -3.05
C PHE C 114 11.61 -21.14 -2.82
N GLN C 115 12.67 -21.45 -2.08
CA GLN C 115 13.04 -22.85 -1.85
C GLN C 115 12.06 -23.56 -0.92
N TRP C 116 11.43 -22.83 -0.01
CA TRP C 116 10.50 -23.45 0.91
C TRP C 116 9.22 -23.89 0.21
N ARG C 117 8.76 -23.13 -0.79
CA ARG C 117 7.47 -23.38 -1.40
C ARG C 117 7.55 -23.92 -2.83
N HIS C 118 8.62 -23.64 -3.56
CA HIS C 118 8.75 -24.05 -4.96
C HIS C 118 10.18 -24.53 -5.22
N PHE C 119 10.58 -25.58 -4.52
CA PHE C 119 11.92 -26.13 -4.70
C PHE C 119 12.03 -26.80 -6.06
N GLY C 120 13.10 -26.47 -6.79
CA GLY C 120 13.36 -27.06 -8.09
C GLY C 120 12.75 -26.34 -9.27
N ALA C 121 11.78 -25.45 -9.03
CA ALA C 121 11.18 -24.70 -10.13
C ALA C 121 12.20 -23.75 -10.77
N GLU C 122 11.96 -23.42 -12.03
CA GLU C 122 12.85 -22.53 -12.76
C GLU C 122 12.54 -21.08 -12.37
N TYR C 123 13.49 -20.42 -11.72
CA TYR C 123 13.28 -19.07 -11.24
C TYR C 123 13.43 -18.08 -12.39
N ARG C 124 12.37 -17.31 -12.65
CA ARG C 124 12.41 -16.26 -13.66
C ARG C 124 12.76 -14.93 -13.00
N ASP C 125 11.76 -14.25 -12.43
CA ASP C 125 11.96 -13.01 -11.69
C ASP C 125 11.15 -13.08 -10.41
N MET C 126 11.33 -12.06 -9.56
CA MET C 126 10.68 -12.03 -8.26
C MET C 126 9.18 -11.76 -8.34
N GLU C 127 8.68 -11.34 -9.51
CA GLU C 127 7.27 -11.04 -9.67
C GLU C 127 6.50 -12.14 -10.39
N SER C 128 7.18 -13.13 -10.95
CA SER C 128 6.52 -14.19 -11.69
C SER C 128 5.72 -15.10 -10.75
N ASP C 129 4.69 -15.73 -11.31
CA ASP C 129 3.85 -16.65 -10.56
C ASP C 129 4.43 -18.06 -10.64
N TYR C 130 4.58 -18.71 -9.49
CA TYR C 130 5.11 -20.07 -9.41
C TYR C 130 4.11 -21.03 -8.78
N SER C 131 2.82 -20.68 -8.74
CA SER C 131 1.83 -21.52 -8.10
C SER C 131 1.74 -22.88 -8.77
N GLY C 132 1.85 -23.93 -7.97
CA GLY C 132 1.85 -25.29 -8.47
C GLY C 132 3.19 -25.81 -8.95
N GLN C 133 4.18 -24.94 -9.11
CA GLN C 133 5.50 -25.35 -9.58
C GLN C 133 6.40 -25.68 -8.41
N GLY C 134 7.34 -26.60 -8.64
CA GLY C 134 8.29 -27.00 -7.63
C GLY C 134 7.65 -27.79 -6.51
N VAL C 135 8.48 -28.20 -5.57
CA VAL C 135 8.05 -28.96 -4.41
C VAL C 135 7.76 -27.99 -3.27
N ASP C 136 6.57 -28.11 -2.67
CA ASP C 136 6.18 -27.29 -1.54
C ASP C 136 6.66 -27.98 -0.27
N GLN C 137 7.90 -27.69 0.10
CA GLN C 137 8.51 -28.34 1.27
C GLN C 137 7.75 -27.99 2.55
N LEU C 138 7.29 -26.74 2.66
CA LEU C 138 6.64 -26.32 3.90
C LEU C 138 5.30 -27.03 4.10
N GLN C 139 4.47 -27.08 3.06
CA GLN C 139 3.17 -27.74 3.20
C GLN C 139 3.32 -29.26 3.29
N ARG C 140 4.31 -29.82 2.60
CA ARG C 140 4.53 -31.27 2.69
C ARG C 140 4.97 -31.66 4.09
N VAL C 141 5.72 -30.80 4.77
CA VAL C 141 6.13 -31.08 6.15
C VAL C 141 4.92 -31.06 7.07
N ILE C 142 3.99 -30.12 6.86
CA ILE C 142 2.79 -30.07 7.67
C ILE C 142 1.90 -31.27 7.40
N ASP C 143 1.81 -31.70 6.14
CA ASP C 143 1.01 -32.88 5.82
C ASP C 143 1.58 -34.14 6.45
N THR C 144 2.90 -34.28 6.44
CA THR C 144 3.53 -35.46 7.02
C THR C 144 3.35 -35.49 8.53
N ILE C 145 3.47 -34.34 9.20
CA ILE C 145 3.32 -34.28 10.65
C ILE C 145 1.90 -34.68 11.04
N LYS C 146 0.91 -34.27 10.25
CA LYS C 146 -0.48 -34.58 10.59
C LYS C 146 -0.79 -36.07 10.39
N THR C 147 -0.30 -36.66 9.29
CA THR C 147 -0.69 -38.02 8.93
C THR C 147 0.22 -39.09 9.54
N ASN C 148 1.54 -38.91 9.46
CA ASN C 148 2.52 -39.88 9.93
C ASN C 148 3.55 -39.16 10.79
N PRO C 149 3.24 -38.89 12.05
CA PRO C 149 4.19 -38.14 12.90
C PRO C 149 5.45 -38.92 13.22
N ASP C 150 5.44 -40.24 13.17
CA ASP C 150 6.62 -41.03 13.44
C ASP C 150 7.63 -40.99 12.29
N ASP C 151 7.31 -40.31 11.20
CA ASP C 151 8.18 -40.27 10.04
C ASP C 151 9.48 -39.55 10.35
N ARG C 152 10.58 -40.10 9.85
CA ARG C 152 11.92 -39.55 10.06
C ARG C 152 12.43 -38.77 8.85
N ARG C 153 11.53 -38.33 7.97
CA ARG C 153 11.92 -37.62 6.75
C ARG C 153 11.28 -36.24 6.67
N ILE C 154 10.75 -35.73 7.79
CA ILE C 154 10.10 -34.43 7.84
C ILE C 154 11.15 -33.33 7.76
N ILE C 155 11.59 -32.99 6.55
CA ILE C 155 12.71 -32.08 6.34
C ILE C 155 12.30 -30.99 5.36
N MET C 156 12.68 -29.75 5.66
CA MET C 156 12.53 -28.62 4.74
C MET C 156 13.92 -28.06 4.48
N CYS C 157 14.43 -28.26 3.27
CA CYS C 157 15.79 -27.88 2.91
C CYS C 157 15.77 -26.73 1.92
N ALA C 158 16.61 -25.74 2.17
CA ALA C 158 16.75 -24.58 1.29
C ALA C 158 18.03 -24.58 0.48
N TRP C 159 18.94 -25.52 0.73
CA TRP C 159 20.20 -25.58 0.00
C TRP C 159 19.97 -26.24 -1.35
N ASN C 160 19.99 -25.44 -2.41
CA ASN C 160 19.82 -25.93 -3.78
C ASN C 160 21.06 -25.57 -4.58
N PRO C 161 21.95 -26.53 -4.85
CA PRO C 161 23.15 -26.24 -5.64
C PRO C 161 22.85 -25.75 -7.04
N ARG C 162 21.69 -26.09 -7.61
CA ARG C 162 21.37 -25.65 -8.96
C ARG C 162 21.08 -24.15 -8.98
N ASP C 163 20.29 -23.67 -8.02
CA ASP C 163 19.97 -22.25 -7.92
C ASP C 163 20.99 -21.47 -7.10
N LEU C 164 22.05 -22.11 -6.64
CA LEU C 164 23.03 -21.44 -5.79
C LEU C 164 23.69 -20.24 -6.47
N PRO C 165 24.22 -20.34 -7.70
CA PRO C 165 24.88 -19.17 -8.29
C PRO C 165 23.94 -18.03 -8.63
N LEU C 166 22.63 -18.21 -8.49
CA LEU C 166 21.66 -17.16 -8.78
C LEU C 166 21.19 -16.40 -7.53
N MET C 167 21.71 -16.75 -6.36
CA MET C 167 21.31 -16.12 -5.11
C MET C 167 22.26 -14.99 -4.76
N ALA C 168 21.70 -13.89 -4.29
CA ALA C 168 22.54 -12.80 -3.77
C ALA C 168 23.33 -13.26 -2.55
N LEU C 169 22.73 -14.10 -1.72
CA LEU C 169 23.39 -14.67 -0.54
C LEU C 169 22.91 -16.10 -0.35
N PRO C 170 23.81 -17.08 -0.39
CA PRO C 170 23.38 -18.47 -0.22
C PRO C 170 22.81 -18.70 1.15
N PRO C 171 21.93 -19.70 1.30
CA PRO C 171 21.21 -19.88 2.57
C PRO C 171 22.15 -20.21 3.71
N CYS C 172 21.97 -19.52 4.84
CA CYS C 172 22.69 -19.84 6.06
C CYS C 172 21.98 -20.92 6.87
N HIS C 173 20.68 -20.76 7.08
CA HIS C 173 19.87 -21.83 7.65
C HIS C 173 19.43 -22.73 6.49
N ALA C 174 20.29 -23.71 6.17
CA ALA C 174 20.13 -24.49 4.95
C ALA C 174 19.12 -25.62 5.12
N LEU C 175 19.17 -26.32 6.24
CA LEU C 175 18.34 -27.50 6.43
C LEU C 175 17.74 -27.49 7.83
N CYS C 176 16.46 -27.88 7.91
CA CYS C 176 15.78 -28.04 9.18
C CYS C 176 14.93 -29.30 9.13
N GLN C 177 14.81 -29.97 10.27
CA GLN C 177 14.07 -31.21 10.38
C GLN C 177 13.13 -31.13 11.58
N PHE C 178 11.96 -31.75 11.44
CA PHE C 178 10.97 -31.78 12.51
C PHE C 178 10.84 -33.19 13.06
N TYR C 179 10.25 -33.28 14.25
CA TYR C 179 10.26 -34.52 15.03
C TYR C 179 9.10 -34.47 16.01
N VAL C 180 8.33 -35.56 16.08
CA VAL C 180 7.13 -35.62 16.90
C VAL C 180 7.20 -36.82 17.82
N VAL C 181 6.97 -36.59 19.11
CA VAL C 181 6.81 -37.67 20.09
C VAL C 181 6.05 -37.11 21.27
N ASN C 182 5.13 -37.92 21.81
CA ASN C 182 4.30 -37.52 22.95
C ASN C 182 3.57 -36.21 22.67
N SER C 183 3.10 -36.05 21.43
CA SER C 183 2.40 -34.85 20.98
C SER C 183 3.26 -33.60 21.16
N GLU C 184 4.58 -33.75 21.04
CA GLU C 184 5.51 -32.63 21.16
C GLU C 184 6.25 -32.45 19.85
N LEU C 185 6.05 -31.31 19.20
CA LEU C 185 6.72 -31.00 17.94
C LEU C 185 8.05 -30.34 18.23
N SER C 186 9.14 -30.97 17.82
CA SER C 186 10.47 -30.42 17.96
C SER C 186 11.07 -30.13 16.58
N CYS C 187 12.08 -29.26 16.56
CA CYS C 187 12.68 -28.80 15.32
C CYS C 187 14.18 -28.62 15.54
N GLN C 188 14.98 -29.16 14.63
CA GLN C 188 16.41 -28.94 14.62
C GLN C 188 16.79 -28.22 13.34
N LEU C 189 17.63 -27.20 13.47
CA LEU C 189 18.09 -26.40 12.34
C LEU C 189 19.59 -26.58 12.18
N TYR C 190 20.02 -26.86 10.95
CA TYR C 190 21.44 -26.89 10.62
C TYR C 190 21.79 -25.58 9.94
N GLN C 191 22.53 -24.72 10.64
CA GLN C 191 22.97 -23.43 10.12
C GLN C 191 24.42 -23.58 9.67
N ARG C 192 24.66 -23.49 8.36
CA ARG C 192 26.00 -23.68 7.84
C ARG C 192 26.95 -22.58 8.29
N SER C 193 26.44 -21.36 8.46
CA SER C 193 27.26 -20.21 8.80
C SER C 193 26.49 -19.36 9.80
N GLY C 194 27.08 -19.13 10.97
CA GLY C 194 26.38 -18.42 12.01
C GLY C 194 27.07 -17.15 12.48
N ASP C 195 26.51 -16.00 12.15
CA ASP C 195 26.94 -14.73 12.73
C ASP C 195 26.49 -14.71 14.17
N MET C 196 27.38 -15.10 15.09
CA MET C 196 27.00 -15.25 16.49
C MET C 196 26.60 -13.93 17.12
N GLY C 197 27.18 -12.82 16.67
CA GLY C 197 26.89 -11.53 17.25
C GLY C 197 25.61 -10.88 16.75
N LEU C 198 25.32 -11.05 15.45
CA LEU C 198 24.21 -10.35 14.81
C LEU C 198 23.05 -11.27 14.48
N GLY C 199 23.27 -12.28 13.63
CA GLY C 199 22.17 -13.07 13.09
C GLY C 199 21.68 -14.23 13.93
N VAL C 200 22.58 -14.88 14.69
CA VAL C 200 22.20 -16.10 15.41
C VAL C 200 21.06 -15.88 16.39
N PRO C 201 21.07 -14.84 17.24
CA PRO C 201 19.86 -14.61 18.07
C PRO C 201 18.62 -14.40 17.24
N PHE C 202 18.75 -13.75 16.09
CA PHE C 202 17.61 -13.56 15.21
C PHE C 202 17.13 -14.90 14.64
N ASN C 203 18.08 -15.76 14.26
CA ASN C 203 17.71 -17.04 13.65
C ASN C 203 17.10 -18.00 14.67
N ILE C 204 17.56 -17.95 15.93
CA ILE C 204 16.99 -18.81 16.96
C ILE C 204 15.53 -18.47 17.18
N ALA C 205 15.22 -17.18 17.30
CA ALA C 205 13.83 -16.78 17.47
C ALA C 205 13.00 -17.05 16.21
N SER C 206 13.64 -16.97 15.04
CA SER C 206 12.92 -17.17 13.79
C SER C 206 12.36 -18.58 13.70
N TYR C 207 13.23 -19.59 13.86
CA TYR C 207 12.80 -20.98 13.76
C TYR C 207 12.04 -21.46 14.99
N ALA C 208 12.21 -20.81 16.13
CA ALA C 208 11.35 -21.11 17.27
C ALA C 208 9.92 -20.67 17.00
N LEU C 209 9.75 -19.49 16.38
CA LEU C 209 8.42 -19.05 15.99
C LEU C 209 7.81 -19.99 14.95
N LEU C 210 8.63 -20.47 14.01
CA LEU C 210 8.14 -21.40 12.99
C LEU C 210 7.65 -22.70 13.62
N THR C 211 8.32 -23.17 14.68
CA THR C 211 7.86 -24.38 15.36
C THR C 211 6.54 -24.12 16.08
N TYR C 212 6.37 -22.92 16.65
CA TYR C 212 5.11 -22.57 17.30
C TYR C 212 3.97 -22.53 16.29
N MET C 213 4.22 -22.04 15.08
CA MET C 213 3.17 -21.98 14.07
C MET C 213 2.74 -23.38 13.64
N ILE C 214 3.72 -24.25 13.36
CA ILE C 214 3.40 -25.59 12.88
C ILE C 214 2.79 -26.44 13.99
N ALA C 215 3.19 -26.20 15.24
CA ALA C 215 2.56 -26.90 16.36
C ALA C 215 1.12 -26.43 16.55
N HIS C 216 0.84 -25.17 16.23
CA HIS C 216 -0.51 -24.65 16.35
C HIS C 216 -1.43 -25.24 15.29
N ILE C 217 -0.91 -25.46 14.08
CA ILE C 217 -1.72 -25.99 13.00
C ILE C 217 -1.97 -27.48 13.20
N THR C 218 -0.91 -28.23 13.50
CA THR C 218 -1.00 -29.68 13.64
C THR C 218 -1.60 -30.11 14.98
N GLY C 219 -1.90 -29.17 15.87
CA GLY C 219 -2.49 -29.53 17.15
C GLY C 219 -1.51 -30.19 18.10
N LEU C 220 -0.25 -29.77 18.08
CA LEU C 220 0.79 -30.32 18.93
C LEU C 220 1.35 -29.23 19.83
N LYS C 221 2.09 -29.66 20.84
CA LYS C 221 2.74 -28.69 21.70
C LYS C 221 4.21 -28.51 21.31
N PRO C 222 4.73 -27.29 21.33
CA PRO C 222 6.14 -27.09 21.02
C PRO C 222 7.04 -27.81 22.02
N GLY C 223 8.04 -28.52 21.49
CA GLY C 223 8.95 -29.26 22.33
C GLY C 223 10.29 -28.56 22.49
N ASP C 224 11.30 -29.01 21.75
CA ASP C 224 12.62 -28.43 21.79
C ASP C 224 13.00 -27.86 20.43
N PHE C 225 13.95 -26.93 20.45
CA PHE C 225 14.59 -26.40 19.24
C PHE C 225 16.09 -26.64 19.36
N ILE C 226 16.60 -27.56 18.56
CA ILE C 226 18.03 -27.88 18.56
C ILE C 226 18.72 -27.01 17.51
N HIS C 227 19.69 -26.21 17.97
CA HIS C 227 20.40 -25.28 17.11
C HIS C 227 21.78 -25.85 16.81
N THR C 228 21.93 -26.47 15.64
CA THR C 228 23.20 -27.01 15.19
C THR C 228 23.88 -26.01 14.27
N LEU C 229 25.15 -25.72 14.56
CA LEU C 229 25.92 -24.73 13.82
C LEU C 229 27.08 -25.40 13.08
N GLY C 230 27.40 -24.87 11.91
CA GLY C 230 28.61 -25.25 11.21
C GLY C 230 29.75 -24.32 11.57
N ASP C 231 29.98 -23.31 10.75
CA ASP C 231 30.98 -22.28 11.03
C ASP C 231 30.34 -21.23 11.93
N ALA C 232 30.54 -21.38 13.24
CA ALA C 232 30.10 -20.39 14.21
C ALA C 232 31.23 -19.40 14.42
N HIS C 233 31.02 -18.16 14.00
CA HIS C 233 32.07 -17.15 14.02
C HIS C 233 31.58 -15.91 14.74
N ILE C 234 32.52 -15.17 15.32
CA ILE C 234 32.28 -13.88 15.94
C ILE C 234 33.16 -12.87 15.23
N TYR C 235 32.54 -11.89 14.58
CA TYR C 235 33.30 -10.88 13.86
C TYR C 235 34.13 -10.05 14.82
N LEU C 236 35.26 -9.53 14.31
CA LEU C 236 36.19 -8.80 15.16
C LEU C 236 35.58 -7.51 15.69
N ASN C 237 34.77 -6.82 14.88
CA ASN C 237 34.09 -5.61 15.31
C ASN C 237 32.86 -5.89 16.16
N HIS C 238 32.70 -7.11 16.66
CA HIS C 238 31.64 -7.46 17.58
C HIS C 238 32.15 -7.89 18.94
N ILE C 239 33.48 -7.98 19.13
CA ILE C 239 34.03 -8.51 20.36
C ILE C 239 33.67 -7.63 21.54
N GLU C 240 33.88 -6.33 21.41
CA GLU C 240 33.55 -5.42 22.50
C GLU C 240 32.06 -5.37 22.80
N PRO C 241 31.16 -5.22 21.82
CA PRO C 241 29.73 -5.25 22.17
C PRO C 241 29.28 -6.57 22.78
N LEU C 242 29.91 -7.69 22.40
CA LEU C 242 29.53 -8.97 22.99
C LEU C 242 30.10 -9.15 24.39
N LYS C 243 31.27 -8.57 24.68
CA LYS C 243 31.78 -8.61 26.05
C LYS C 243 30.90 -7.79 26.99
N ILE C 244 30.19 -6.80 26.47
CA ILE C 244 29.22 -6.06 27.28
C ILE C 244 27.94 -6.88 27.46
N GLN C 245 27.48 -7.55 26.40
CA GLN C 245 26.31 -8.41 26.51
C GLN C 245 26.59 -9.62 27.39
N LEU C 246 27.84 -10.08 27.43
CA LEU C 246 28.18 -11.27 28.20
C LEU C 246 28.11 -11.01 29.70
N GLN C 247 28.41 -9.79 30.14
CA GLN C 247 28.36 -9.42 31.55
C GLN C 247 26.95 -9.21 32.08
N ARG C 248 25.95 -9.15 31.21
CA ARG C 248 24.58 -8.92 31.63
C ARG C 248 23.97 -10.21 32.17
N GLU C 249 23.22 -10.09 33.26
CA GLU C 249 22.59 -11.26 33.84
C GLU C 249 21.33 -11.61 33.04
N PRO C 250 21.13 -12.87 32.66
CA PRO C 250 19.94 -13.23 31.90
C PRO C 250 18.68 -13.07 32.74
N ARG C 251 17.59 -12.77 32.06
CA ARG C 251 16.27 -12.67 32.65
C ARG C 251 15.37 -13.77 32.09
N PRO C 252 14.27 -14.09 32.78
CA PRO C 252 13.40 -15.18 32.31
C PRO C 252 12.87 -14.90 30.91
N PHE C 253 12.78 -15.97 30.11
CA PHE C 253 12.27 -15.87 28.75
C PHE C 253 10.81 -15.42 28.77
N PRO C 254 10.37 -14.68 27.74
CA PRO C 254 8.95 -14.32 27.66
C PRO C 254 8.10 -15.49 27.22
N LYS C 255 6.84 -15.22 26.91
CA LYS C 255 5.92 -16.23 26.40
C LYS C 255 5.29 -15.75 25.11
N LEU C 256 4.94 -16.70 24.24
CA LEU C 256 4.31 -16.41 22.96
C LEU C 256 2.88 -16.94 23.00
N ARG C 257 1.93 -16.05 22.74
CA ARG C 257 0.51 -16.37 22.76
C ARG C 257 -0.05 -16.21 21.35
N ILE C 258 -0.81 -17.19 20.90
CA ILE C 258 -1.49 -17.13 19.62
C ILE C 258 -2.94 -16.72 19.86
N LEU C 259 -3.33 -15.59 19.27
CA LEU C 259 -4.60 -14.96 19.59
C LEU C 259 -5.80 -15.54 18.83
N ARG C 260 -5.56 -16.36 17.81
CA ARG C 260 -6.66 -16.94 17.05
C ARG C 260 -6.26 -18.31 16.52
N LYS C 261 -7.24 -19.20 16.42
CA LYS C 261 -7.00 -20.52 15.83
C LYS C 261 -6.90 -20.38 14.32
N VAL C 262 -5.76 -20.79 13.76
CA VAL C 262 -5.50 -20.70 12.34
C VAL C 262 -5.38 -22.11 11.77
N GLU C 263 -6.00 -22.32 10.61
CA GLU C 263 -6.06 -23.65 10.00
C GLU C 263 -4.89 -23.89 9.05
N LYS C 264 -4.57 -22.92 8.20
CA LYS C 264 -3.51 -23.05 7.21
C LYS C 264 -2.32 -22.17 7.58
N ILE C 265 -1.15 -22.57 7.09
CA ILE C 265 0.07 -21.84 7.38
C ILE C 265 0.07 -20.48 6.67
N ASP C 266 -0.67 -20.36 5.56
CA ASP C 266 -0.73 -19.12 4.82
C ASP C 266 -1.64 -18.09 5.45
N ASP C 267 -2.54 -18.50 6.36
CA ASP C 267 -3.53 -17.61 6.93
C ASP C 267 -3.03 -16.88 8.17
N PHE C 268 -1.75 -17.02 8.52
CA PHE C 268 -1.20 -16.30 9.66
C PHE C 268 -0.92 -14.85 9.29
N LYS C 269 -1.39 -13.93 10.14
CA LYS C 269 -1.12 -12.51 10.00
C LYS C 269 -0.28 -12.04 11.19
N ALA C 270 0.35 -10.88 11.01
CA ALA C 270 1.23 -10.35 12.05
C ALA C 270 0.46 -10.07 13.34
N GLU C 271 -0.83 -9.73 13.23
CA GLU C 271 -1.66 -9.42 14.39
C GLU C 271 -2.03 -10.66 15.20
N ASP C 272 -1.68 -11.85 14.74
CA ASP C 272 -2.07 -13.08 15.42
C ASP C 272 -1.10 -13.48 16.54
N PHE C 273 0.01 -12.77 16.70
CA PHE C 273 1.03 -13.12 17.68
C PHE C 273 1.21 -11.99 18.68
N GLN C 274 1.46 -12.36 19.93
CA GLN C 274 1.71 -11.40 20.99
C GLN C 274 2.72 -11.98 21.96
N ILE C 275 3.85 -11.31 22.11
CA ILE C 275 4.88 -11.69 23.07
C ILE C 275 4.52 -11.09 24.42
N GLU C 276 4.41 -11.93 25.45
CA GLU C 276 3.97 -11.50 26.77
C GLU C 276 5.13 -11.60 27.74
N GLY C 277 5.50 -10.47 28.33
CA GLY C 277 6.52 -10.45 29.37
C GLY C 277 7.95 -10.46 28.88
N TYR C 278 8.23 -9.73 27.80
CA TYR C 278 9.58 -9.64 27.25
C TYR C 278 10.23 -8.38 27.81
N ASN C 279 11.12 -8.56 28.79
CA ASN C 279 11.85 -7.46 29.42
C ASN C 279 13.34 -7.67 29.16
N PRO C 280 13.83 -7.31 27.99
CA PRO C 280 15.23 -7.52 27.65
C PRO C 280 16.12 -6.36 28.09
N HIS C 281 17.42 -6.62 28.10
CA HIS C 281 18.42 -5.58 28.27
C HIS C 281 18.41 -4.67 27.05
N PRO C 282 19.03 -3.49 27.16
CA PRO C 282 19.06 -2.57 26.02
C PRO C 282 19.60 -3.23 24.75
N THR C 283 19.18 -2.68 23.61
CA THR C 283 19.68 -3.16 22.33
C THR C 283 21.17 -2.89 22.22
N ILE C 284 21.86 -3.70 21.44
CA ILE C 284 23.28 -3.52 21.16
C ILE C 284 23.43 -3.58 19.65
N LYS C 285 23.44 -2.42 19.00
CA LYS C 285 23.58 -2.39 17.55
C LYS C 285 24.97 -2.83 17.16
N MET C 286 25.05 -3.83 16.27
CA MET C 286 26.31 -4.35 15.78
C MET C 286 26.30 -4.24 14.26
N GLU C 287 27.39 -3.71 13.69
CA GLU C 287 27.43 -3.48 12.25
C GLU C 287 27.47 -4.79 11.49
N MET C 288 26.74 -4.84 10.38
CA MET C 288 26.71 -6.01 9.52
C MET C 288 27.89 -5.98 8.54
N ALA C 289 28.43 -7.15 8.23
CA ALA C 289 29.53 -7.28 7.29
C ALA C 289 28.98 -7.95 6.02
N VAL C 290 28.78 -7.14 4.98
CA VAL C 290 28.26 -7.67 3.72
C VAL C 290 29.35 -7.65 2.65
N SER D 6 2.52 -38.66 -27.62
CA SER D 6 1.84 -37.91 -28.67
C SER D 6 2.39 -36.49 -28.84
N GLU D 7 3.32 -36.10 -27.97
CA GLU D 7 3.96 -34.81 -28.14
C GLU D 7 4.87 -34.79 -29.36
N LEU D 8 5.35 -35.96 -29.80
CA LEU D 8 6.16 -36.01 -31.01
C LEU D 8 5.37 -35.54 -32.23
N GLN D 9 4.04 -35.55 -32.16
CA GLN D 9 3.24 -35.02 -33.25
C GLN D 9 3.39 -33.51 -33.36
N TYR D 10 3.31 -32.80 -32.23
CA TYR D 10 3.52 -31.36 -32.24
C TYR D 10 4.92 -31.02 -32.73
N LEU D 11 5.92 -31.79 -32.30
CA LEU D 11 7.27 -31.56 -32.80
C LEU D 11 7.36 -31.90 -34.29
N GLY D 12 6.66 -32.95 -34.72
CA GLY D 12 6.63 -33.28 -36.13
C GLY D 12 5.95 -32.21 -36.97
N GLN D 13 5.00 -31.49 -36.39
CA GLN D 13 4.39 -30.37 -37.10
C GLN D 13 5.33 -29.17 -37.16
N ILE D 14 6.13 -28.96 -36.12
CA ILE D 14 7.13 -27.90 -36.13
C ILE D 14 8.19 -28.19 -37.17
N GLN D 15 8.68 -29.44 -37.21
CA GLN D 15 9.75 -29.79 -38.14
C GLN D 15 9.25 -29.77 -39.58
N HIS D 16 7.97 -30.04 -39.82
CA HIS D 16 7.44 -30.02 -41.17
C HIS D 16 7.27 -28.61 -41.70
N ILE D 17 6.93 -27.65 -40.83
CA ILE D 17 6.79 -26.26 -41.26
C ILE D 17 8.16 -25.64 -41.52
N LEU D 18 9.15 -25.97 -40.69
CA LEU D 18 10.49 -25.43 -40.90
C LEU D 18 11.13 -25.98 -42.17
N ARG D 19 10.77 -27.21 -42.56
CA ARG D 19 11.39 -27.85 -43.72
C ARG D 19 10.59 -27.68 -45.00
N CYS D 20 9.26 -27.65 -44.92
CA CYS D 20 8.41 -27.56 -46.10
C CYS D 20 7.52 -26.32 -46.13
N GLY D 21 7.56 -25.47 -45.11
CA GLY D 21 6.72 -24.29 -45.10
C GLY D 21 7.20 -23.23 -46.06
N VAL D 22 6.25 -22.42 -46.54
CA VAL D 22 6.53 -21.33 -47.47
C VAL D 22 6.48 -20.01 -46.73
N ARG D 23 7.31 -19.07 -47.16
CA ARG D 23 7.34 -17.74 -46.56
C ARG D 23 6.09 -16.96 -46.97
N LYS D 24 5.49 -16.28 -46.00
CA LYS D 24 4.23 -15.59 -46.23
C LYS D 24 4.08 -14.45 -45.23
N ASP D 25 3.66 -13.29 -45.73
CA ASP D 25 3.45 -12.13 -44.86
C ASP D 25 2.19 -12.33 -44.01
N ASP D 26 2.01 -11.44 -43.04
CA ASP D 26 0.89 -11.57 -42.11
C ASP D 26 0.40 -10.19 -41.70
N ARG D 27 -0.67 -10.18 -40.91
CA ARG D 27 -1.29 -8.93 -40.48
C ARG D 27 -0.35 -8.11 -39.59
N THR D 28 0.37 -8.78 -38.69
CA THR D 28 1.30 -8.07 -37.81
C THR D 28 2.56 -7.62 -38.53
N GLY D 29 2.78 -8.06 -39.77
CA GLY D 29 3.96 -7.65 -40.53
C GLY D 29 5.27 -8.27 -40.10
N THR D 30 5.25 -9.31 -39.28
CA THR D 30 6.48 -9.95 -38.81
C THR D 30 6.90 -11.12 -39.67
N GLY D 31 6.06 -11.54 -40.63
CA GLY D 31 6.36 -12.65 -41.51
C GLY D 31 6.22 -14.01 -40.85
N THR D 32 5.87 -15.01 -41.65
CA THR D 32 5.64 -16.36 -41.14
C THR D 32 6.14 -17.38 -42.16
N LEU D 33 6.37 -18.60 -41.66
CA LEU D 33 6.47 -19.78 -42.49
C LEU D 33 5.19 -20.59 -42.27
N SER D 34 4.40 -20.76 -43.32
CA SER D 34 3.04 -21.25 -43.19
C SER D 34 2.86 -22.57 -43.93
N VAL D 35 1.96 -23.40 -43.40
CA VAL D 35 1.46 -24.60 -44.04
C VAL D 35 -0.03 -24.65 -43.78
N PHE D 36 -0.82 -24.89 -44.82
CA PHE D 36 -2.28 -24.89 -44.71
C PHE D 36 -2.80 -26.31 -44.64
N GLY D 37 -3.47 -26.65 -43.54
CA GLY D 37 -4.11 -27.94 -43.40
C GLY D 37 -3.26 -29.01 -42.73
N MET D 38 -3.41 -29.14 -41.40
CA MET D 38 -2.73 -30.18 -40.65
C MET D 38 -3.69 -30.78 -39.64
N GLN D 39 -3.40 -32.02 -39.21
CA GLN D 39 -4.24 -32.70 -38.23
C GLN D 39 -3.39 -33.61 -37.38
N ALA D 40 -3.60 -33.53 -36.06
CA ALA D 40 -2.93 -34.38 -35.09
C ALA D 40 -3.95 -34.88 -34.09
N ARG D 41 -3.69 -36.07 -33.54
CA ARG D 41 -4.60 -36.71 -32.59
C ARG D 41 -3.85 -36.93 -31.29
N TYR D 42 -4.31 -36.27 -30.22
CA TYR D 42 -3.70 -36.37 -28.91
C TYR D 42 -4.62 -37.18 -27.99
N SER D 43 -4.11 -38.30 -27.47
CA SER D 43 -4.91 -39.15 -26.61
C SER D 43 -5.05 -38.52 -25.22
N LEU D 44 -6.26 -38.50 -24.70
CA LEU D 44 -6.54 -37.97 -23.37
C LEU D 44 -6.68 -39.07 -22.32
N ARG D 45 -6.37 -40.32 -22.68
CA ARG D 45 -6.58 -41.46 -21.80
C ARG D 45 -5.41 -41.57 -20.84
N ASP D 46 -5.65 -41.25 -19.56
CA ASP D 46 -4.64 -41.33 -18.51
C ASP D 46 -3.44 -40.44 -18.79
N GLU D 47 -3.64 -39.38 -19.58
CA GLU D 47 -2.57 -38.43 -19.87
C GLU D 47 -3.18 -37.12 -20.32
N PHE D 48 -2.50 -36.02 -19.98
CA PHE D 48 -2.94 -34.68 -20.34
C PHE D 48 -1.93 -34.02 -21.27
N PRO D 49 -2.38 -33.46 -22.47
CA PRO D 49 -1.44 -32.89 -23.46
C PRO D 49 -0.88 -31.53 -23.05
N LEU D 50 -0.13 -31.51 -21.95
CA LEU D 50 0.63 -30.34 -21.55
C LEU D 50 2.08 -30.54 -22.00
N LEU D 51 2.52 -29.71 -22.94
CA LEU D 51 3.80 -29.95 -23.59
C LEU D 51 4.96 -29.87 -22.60
N THR D 52 5.94 -30.76 -22.79
CA THR D 52 7.09 -30.85 -21.89
C THR D 52 8.40 -30.36 -22.51
N THR D 53 8.46 -30.19 -23.83
CA THR D 53 9.64 -29.61 -24.44
C THR D 53 9.79 -28.13 -24.14
N LYS D 54 8.76 -27.51 -23.55
CA LYS D 54 8.79 -26.14 -23.09
C LYS D 54 7.68 -25.98 -22.06
N ARG D 55 7.93 -25.20 -21.02
CA ARG D 55 6.91 -24.99 -20.00
C ARG D 55 5.76 -24.19 -20.58
N VAL D 56 4.55 -24.72 -20.42
CA VAL D 56 3.33 -24.05 -20.88
C VAL D 56 2.66 -23.42 -19.67
N PHE D 57 2.10 -22.22 -19.87
CA PHE D 57 1.47 -21.47 -18.79
C PHE D 57 0.17 -22.16 -18.39
N TRP D 58 0.25 -23.12 -17.46
CA TRP D 58 -0.94 -23.88 -17.09
C TRP D 58 -1.92 -23.03 -16.30
N LYS D 59 -1.42 -22.07 -15.51
CA LYS D 59 -2.34 -21.17 -14.81
C LYS D 59 -3.11 -20.30 -15.81
N GLY D 60 -2.45 -19.88 -16.89
CA GLY D 60 -3.16 -19.16 -17.93
C GLY D 60 -4.22 -20.02 -18.61
N VAL D 61 -3.88 -21.28 -18.90
CA VAL D 61 -4.85 -22.19 -19.51
C VAL D 61 -6.05 -22.37 -18.59
N LEU D 62 -5.81 -22.55 -17.30
CA LEU D 62 -6.90 -22.83 -16.37
C LEU D 62 -7.76 -21.59 -16.14
N GLU D 63 -7.14 -20.41 -16.02
CA GLU D 63 -7.91 -19.21 -15.74
C GLU D 63 -8.64 -18.69 -16.97
N GLU D 64 -8.05 -18.85 -18.16
CA GLU D 64 -8.71 -18.36 -19.36
C GLU D 64 -9.93 -19.20 -19.72
N LEU D 65 -9.86 -20.51 -19.49
CA LEU D 65 -11.00 -21.36 -19.80
C LEU D 65 -12.15 -21.08 -18.84
N LEU D 66 -11.86 -20.96 -17.55
CA LEU D 66 -12.89 -20.50 -16.62
C LEU D 66 -13.40 -19.12 -17.00
N TRP D 67 -12.54 -18.29 -17.56
CA TRP D 67 -12.96 -16.98 -18.06
C TRP D 67 -13.82 -17.12 -19.31
N PHE D 68 -13.52 -18.11 -20.16
CA PHE D 68 -14.37 -18.39 -21.32
C PHE D 68 -15.73 -18.92 -20.89
N ILE D 69 -15.73 -19.91 -19.98
CA ILE D 69 -16.98 -20.54 -19.54
C ILE D 69 -17.87 -19.51 -18.87
N LYS D 70 -17.28 -18.62 -18.08
CA LYS D 70 -18.03 -17.56 -17.41
C LYS D 70 -18.66 -16.60 -18.40
N GLY D 71 -18.27 -16.66 -19.68
CA GLY D 71 -18.81 -15.77 -20.68
C GLY D 71 -18.23 -14.37 -20.66
N SER D 72 -17.20 -14.12 -19.88
CA SER D 72 -16.63 -12.79 -19.75
C SER D 72 -15.80 -12.44 -20.97
N THR D 73 -15.94 -11.20 -21.43
CA THR D 73 -15.11 -10.64 -22.49
C THR D 73 -14.28 -9.46 -22.00
N ASN D 74 -14.14 -9.32 -20.69
CA ASN D 74 -13.38 -8.22 -20.09
C ASN D 74 -11.96 -8.69 -19.85
N ALA D 75 -11.00 -8.05 -20.52
CA ALA D 75 -9.60 -8.44 -20.37
C ALA D 75 -9.07 -8.13 -18.97
N LYS D 76 -9.58 -7.06 -18.34
CA LYS D 76 -9.15 -6.73 -16.99
C LYS D 76 -9.60 -7.79 -15.99
N GLU D 77 -10.70 -8.47 -16.26
CA GLU D 77 -11.15 -9.53 -15.36
C GLU D 77 -10.17 -10.70 -15.37
N LEU D 78 -9.62 -11.02 -16.54
CA LEU D 78 -8.61 -12.07 -16.62
C LEU D 78 -7.25 -11.58 -16.14
N SER D 79 -6.92 -10.31 -16.42
CA SER D 79 -5.64 -9.77 -15.99
C SER D 79 -5.58 -9.60 -14.47
N SER D 80 -6.73 -9.42 -13.82
CA SER D 80 -6.74 -9.35 -12.37
C SER D 80 -6.48 -10.70 -11.71
N LYS D 81 -6.41 -11.77 -12.49
CA LYS D 81 -6.11 -13.10 -11.98
C LYS D 81 -4.65 -13.48 -12.19
N GLY D 82 -3.86 -12.66 -12.89
CA GLY D 82 -2.48 -12.97 -13.17
C GLY D 82 -2.20 -13.39 -14.59
N VAL D 83 -3.21 -13.42 -15.46
CA VAL D 83 -3.07 -13.86 -16.84
C VAL D 83 -3.25 -12.64 -17.74
N LYS D 84 -2.15 -12.14 -18.29
CA LYS D 84 -2.15 -10.94 -19.12
C LYS D 84 -1.99 -11.26 -20.60
N ILE D 85 -2.55 -12.39 -21.06
CA ILE D 85 -2.38 -12.78 -22.44
C ILE D 85 -3.27 -12.00 -23.38
N TRP D 86 -4.33 -11.37 -22.88
CA TRP D 86 -5.23 -10.57 -23.69
C TRP D 86 -5.08 -9.07 -23.46
N ASP D 87 -4.19 -8.65 -22.57
CA ASP D 87 -4.01 -7.22 -22.32
C ASP D 87 -3.44 -6.50 -23.53
N ALA D 88 -2.66 -7.19 -24.37
CA ALA D 88 -2.12 -6.56 -25.57
C ALA D 88 -3.22 -6.27 -26.58
N ASN D 89 -4.20 -7.17 -26.71
CA ASN D 89 -5.30 -6.99 -27.65
C ASN D 89 -6.40 -6.11 -27.08
N GLY D 90 -6.41 -5.87 -25.78
CA GLY D 90 -7.38 -5.00 -25.14
C GLY D 90 -6.86 -3.65 -24.74
N SER D 91 -5.67 -3.27 -25.18
CA SER D 91 -5.08 -1.98 -24.82
C SER D 91 -5.73 -0.85 -25.60
N ARG D 92 -5.62 0.36 -25.04
CA ARG D 92 -6.17 1.54 -25.70
C ARG D 92 -5.55 1.76 -27.07
N ASP D 93 -4.24 1.54 -27.19
CA ASP D 93 -3.56 1.75 -28.47
C ASP D 93 -4.09 0.79 -29.53
N PHE D 94 -4.32 -0.47 -29.17
CA PHE D 94 -4.81 -1.46 -30.13
C PHE D 94 -6.29 -1.29 -30.42
N LEU D 95 -7.07 -0.82 -29.44
CA LEU D 95 -8.50 -0.62 -29.67
C LEU D 95 -8.75 0.53 -30.63
N ASP D 96 -8.02 1.64 -30.47
CA ASP D 96 -8.22 2.79 -31.35
C ASP D 96 -7.75 2.51 -32.78
N SER D 97 -6.88 1.52 -32.97
CA SER D 97 -6.41 1.18 -34.32
C SER D 97 -7.48 0.47 -35.13
N LEU D 98 -8.45 -0.18 -34.49
CA LEU D 98 -9.51 -0.90 -35.17
C LEU D 98 -10.81 -0.13 -35.21
N GLY D 99 -10.76 1.18 -34.98
CA GLY D 99 -11.93 2.03 -35.01
C GLY D 99 -12.72 2.05 -33.72
N PHE D 100 -12.37 1.22 -32.74
CA PHE D 100 -13.05 1.22 -31.46
C PHE D 100 -12.44 2.31 -30.58
N SER D 101 -13.05 3.50 -30.63
CA SER D 101 -12.55 4.63 -29.87
C SER D 101 -13.43 4.98 -28.68
N THR D 102 -14.65 4.43 -28.61
CA THR D 102 -15.54 4.69 -27.49
C THR D 102 -15.64 3.51 -26.54
N ARG D 103 -14.82 2.48 -26.74
CA ARG D 103 -14.81 1.32 -25.87
C ARG D 103 -13.94 1.56 -24.64
N GLU D 104 -14.24 0.81 -23.59
CA GLU D 104 -13.45 0.89 -22.37
C GLU D 104 -12.20 0.02 -22.50
N GLU D 105 -11.14 0.44 -21.83
CA GLU D 105 -9.87 -0.28 -21.84
C GLU D 105 -10.06 -1.75 -21.48
N GLY D 106 -9.81 -2.63 -22.44
CA GLY D 106 -9.92 -4.07 -22.22
C GLY D 106 -11.25 -4.67 -22.61
N ASP D 107 -12.04 -4.01 -23.44
CA ASP D 107 -13.29 -4.55 -23.96
C ASP D 107 -12.96 -5.24 -25.28
N LEU D 108 -12.75 -6.57 -25.22
CA LEU D 108 -12.40 -7.30 -26.42
C LEU D 108 -13.54 -7.43 -27.42
N GLY D 109 -14.77 -7.15 -27.02
CA GLY D 109 -15.91 -7.30 -27.89
C GLY D 109 -16.56 -8.66 -27.71
N PRO D 110 -17.36 -9.08 -28.68
CA PRO D 110 -17.97 -10.41 -28.60
C PRO D 110 -16.99 -11.50 -29.03
N VAL D 111 -16.23 -12.03 -28.08
CA VAL D 111 -15.19 -13.01 -28.39
C VAL D 111 -15.60 -14.36 -27.81
N TYR D 112 -14.62 -15.26 -27.63
CA TYR D 112 -14.92 -16.67 -27.33
C TYR D 112 -15.92 -16.83 -26.19
N GLY D 113 -15.82 -15.99 -25.16
CA GLY D 113 -16.71 -16.15 -24.03
C GLY D 113 -18.14 -15.78 -24.37
N PHE D 114 -18.32 -14.72 -25.16
CA PHE D 114 -19.66 -14.25 -25.49
C PHE D 114 -20.37 -15.22 -26.44
N GLN D 115 -19.65 -15.74 -27.43
CA GLN D 115 -20.28 -16.63 -28.40
C GLN D 115 -20.59 -18.01 -27.80
N TRP D 116 -19.81 -18.44 -26.80
CA TRP D 116 -20.05 -19.75 -26.21
C TRP D 116 -21.37 -19.77 -25.43
N ARG D 117 -21.70 -18.65 -24.77
CA ARG D 117 -22.85 -18.60 -23.88
C ARG D 117 -24.01 -17.77 -24.40
N HIS D 118 -23.76 -16.81 -25.29
CA HIS D 118 -24.79 -15.91 -25.78
C HIS D 118 -24.60 -15.66 -27.29
N PHE D 119 -24.65 -16.73 -28.08
CA PHE D 119 -24.49 -16.59 -29.52
C PHE D 119 -25.70 -15.88 -30.12
N GLY D 120 -25.44 -14.87 -30.95
CA GLY D 120 -26.48 -14.14 -31.62
C GLY D 120 -27.03 -12.97 -30.84
N ALA D 121 -26.79 -12.92 -29.53
CA ALA D 121 -27.27 -11.80 -28.72
C ALA D 121 -26.55 -10.52 -29.13
N GLU D 122 -27.20 -9.39 -28.89
CA GLU D 122 -26.64 -8.10 -29.24
C GLU D 122 -25.65 -7.68 -28.15
N TYR D 123 -24.38 -7.58 -28.53
CA TYR D 123 -23.32 -7.26 -27.59
C TYR D 123 -23.39 -5.76 -27.28
N ARG D 124 -23.56 -5.44 -26.00
CA ARG D 124 -23.56 -4.04 -25.55
C ARG D 124 -22.15 -3.61 -25.17
N ASP D 125 -21.64 -4.13 -24.05
CA ASP D 125 -20.25 -3.97 -23.68
C ASP D 125 -19.89 -5.08 -22.69
N MET D 126 -18.70 -4.99 -22.10
CA MET D 126 -18.18 -6.08 -21.29
C MET D 126 -18.77 -6.14 -19.89
N GLU D 127 -19.51 -5.12 -19.47
CA GLU D 127 -20.13 -5.12 -18.14
C GLU D 127 -21.62 -5.44 -18.18
N SER D 128 -22.23 -5.47 -19.37
CA SER D 128 -23.66 -5.70 -19.47
C SER D 128 -24.01 -7.14 -19.13
N ASP D 129 -25.24 -7.34 -18.66
CA ASP D 129 -25.75 -8.67 -18.35
C ASP D 129 -26.43 -9.24 -19.58
N TYR D 130 -26.06 -10.47 -19.94
CA TYR D 130 -26.64 -11.16 -21.10
C TYR D 130 -27.33 -12.45 -20.70
N SER D 131 -27.65 -12.60 -19.42
CA SER D 131 -28.30 -13.82 -18.96
C SER D 131 -29.65 -13.99 -19.65
N GLY D 132 -29.86 -15.18 -20.23
CA GLY D 132 -31.06 -15.46 -20.99
C GLY D 132 -31.03 -15.02 -22.44
N GLN D 133 -30.05 -14.21 -22.83
CA GLN D 133 -29.93 -13.77 -24.22
C GLN D 133 -29.02 -14.72 -24.99
N GLY D 134 -29.28 -14.84 -26.29
CA GLY D 134 -28.45 -15.66 -27.15
C GLY D 134 -28.61 -17.15 -26.90
N VAL D 135 -27.88 -17.92 -27.69
CA VAL D 135 -27.88 -19.38 -27.59
C VAL D 135 -26.72 -19.82 -26.71
N ASP D 136 -27.01 -20.65 -25.72
CA ASP D 136 -25.98 -21.21 -24.83
C ASP D 136 -25.44 -22.47 -25.48
N GLN D 137 -24.44 -22.31 -26.34
CA GLN D 137 -23.88 -23.47 -27.03
C GLN D 137 -23.22 -24.43 -26.04
N LEU D 138 -22.56 -23.89 -25.01
CA LEU D 138 -21.83 -24.74 -24.08
C LEU D 138 -22.76 -25.66 -23.31
N GLN D 139 -23.86 -25.10 -22.77
CA GLN D 139 -24.81 -25.93 -22.05
C GLN D 139 -25.59 -26.84 -23.01
N ARG D 140 -25.82 -26.38 -24.24
CA ARG D 140 -26.55 -27.21 -25.20
C ARG D 140 -25.76 -28.45 -25.61
N VAL D 141 -24.43 -28.33 -25.73
CA VAL D 141 -23.64 -29.52 -26.07
C VAL D 141 -23.63 -30.49 -24.89
N ILE D 142 -23.56 -29.99 -23.67
CA ILE D 142 -23.59 -30.87 -22.51
C ILE D 142 -24.94 -31.56 -22.40
N ASP D 143 -26.03 -30.85 -22.71
CA ASP D 143 -27.34 -31.46 -22.69
C ASP D 143 -27.47 -32.53 -23.76
N THR D 144 -26.93 -32.26 -24.95
CA THR D 144 -27.00 -33.24 -26.03
C THR D 144 -26.17 -34.47 -25.73
N ILE D 145 -24.98 -34.29 -25.14
CA ILE D 145 -24.14 -35.43 -24.81
C ILE D 145 -24.81 -36.34 -23.80
N LYS D 146 -25.53 -35.75 -22.84
CA LYS D 146 -26.21 -36.56 -21.82
C LYS D 146 -27.38 -37.33 -22.42
N THR D 147 -28.17 -36.68 -23.28
CA THR D 147 -29.42 -37.25 -23.76
C THR D 147 -29.22 -38.06 -25.05
N ASN D 148 -28.48 -37.51 -26.02
CA ASN D 148 -28.29 -38.14 -27.32
C ASN D 148 -26.81 -38.12 -27.68
N PRO D 149 -26.03 -39.06 -27.11
CA PRO D 149 -24.59 -39.08 -27.41
C PRO D 149 -24.28 -39.46 -28.85
N ASP D 150 -25.17 -40.18 -29.52
CA ASP D 150 -24.95 -40.53 -30.92
C ASP D 150 -25.15 -39.36 -31.87
N ASP D 151 -25.53 -38.18 -31.36
CA ASP D 151 -25.79 -37.03 -32.22
C ASP D 151 -24.50 -36.57 -32.89
N ARG D 152 -24.61 -36.23 -34.17
CA ARG D 152 -23.47 -35.79 -34.97
C ARG D 152 -23.43 -34.27 -35.15
N ARG D 153 -24.16 -33.53 -34.29
CA ARG D 153 -24.21 -32.08 -34.39
C ARG D 153 -23.77 -31.40 -33.09
N ILE D 154 -23.09 -32.14 -32.21
CA ILE D 154 -22.61 -31.57 -30.96
C ILE D 154 -21.49 -30.61 -31.28
N ILE D 155 -21.84 -29.38 -31.64
CA ILE D 155 -20.90 -28.40 -32.15
C ILE D 155 -21.04 -27.11 -31.35
N MET D 156 -19.90 -26.50 -31.02
CA MET D 156 -19.86 -25.20 -30.39
C MET D 156 -19.04 -24.28 -31.30
N CYS D 157 -19.72 -23.31 -31.92
CA CYS D 157 -19.10 -22.43 -32.89
C CYS D 157 -18.96 -21.03 -32.32
N ALA D 158 -17.77 -20.44 -32.48
CA ALA D 158 -17.50 -19.07 -32.04
C ALA D 158 -17.32 -18.11 -33.20
N TRP D 159 -17.24 -18.60 -34.43
CA TRP D 159 -17.08 -17.75 -35.59
C TRP D 159 -18.44 -17.19 -35.98
N ASN D 160 -18.66 -15.91 -35.70
CA ASN D 160 -19.93 -15.24 -36.01
C ASN D 160 -19.65 -14.10 -36.98
N PRO D 161 -19.98 -14.26 -38.27
CA PRO D 161 -19.76 -13.16 -39.22
C PRO D 161 -20.53 -11.89 -38.89
N ARG D 162 -21.65 -12.01 -38.18
CA ARG D 162 -22.42 -10.82 -37.83
C ARG D 162 -21.69 -9.98 -36.79
N ASP D 163 -21.18 -10.62 -35.74
CA ASP D 163 -20.45 -9.93 -34.69
C ASP D 163 -18.96 -9.80 -34.99
N LEU D 164 -18.52 -10.26 -36.15
CA LEU D 164 -17.09 -10.26 -36.47
C LEU D 164 -16.46 -8.86 -36.45
N PRO D 165 -17.03 -7.83 -37.07
CA PRO D 165 -16.36 -6.51 -37.06
C PRO D 165 -16.29 -5.85 -35.68
N LEU D 166 -16.92 -6.42 -34.65
CA LEU D 166 -16.87 -5.86 -33.31
C LEU D 166 -15.84 -6.53 -32.42
N MET D 167 -15.08 -7.49 -32.92
CA MET D 167 -14.11 -8.22 -32.12
C MET D 167 -12.73 -7.57 -32.25
N ALA D 168 -12.04 -7.45 -31.12
CA ALA D 168 -10.65 -7.00 -31.16
C ALA D 168 -9.79 -8.00 -31.92
N LEU D 169 -10.07 -9.28 -31.75
CA LEU D 169 -9.40 -10.34 -32.47
C LEU D 169 -10.42 -11.45 -32.76
N PRO D 170 -10.67 -11.76 -34.03
CA PRO D 170 -11.65 -12.80 -34.35
C PRO D 170 -11.17 -14.15 -33.84
N PRO D 171 -12.08 -15.08 -33.59
CA PRO D 171 -11.68 -16.34 -32.95
C PRO D 171 -10.70 -17.12 -33.81
N CYS D 172 -9.63 -17.60 -33.16
CA CYS D 172 -8.67 -18.48 -33.81
C CYS D 172 -9.11 -19.94 -33.72
N HIS D 173 -9.47 -20.39 -32.53
CA HIS D 173 -10.15 -21.69 -32.39
C HIS D 173 -11.63 -21.41 -32.61
N ALA D 174 -12.04 -21.47 -33.89
CA ALA D 174 -13.35 -20.97 -34.29
C ALA D 174 -14.45 -21.99 -34.02
N LEU D 175 -14.22 -23.25 -34.33
CA LEU D 175 -15.26 -24.26 -34.23
C LEU D 175 -14.67 -25.52 -33.61
N CYS D 176 -15.44 -26.15 -32.71
CA CYS D 176 -15.05 -27.41 -32.12
C CYS D 176 -16.25 -28.34 -32.05
N GLN D 177 -16.00 -29.63 -32.21
CA GLN D 177 -17.04 -30.65 -32.23
C GLN D 177 -16.70 -31.75 -31.24
N PHE D 178 -17.73 -32.30 -30.60
CA PHE D 178 -17.58 -33.40 -29.66
C PHE D 178 -18.19 -34.67 -30.23
N TYR D 179 -17.81 -35.80 -29.64
CA TYR D 179 -18.12 -37.11 -30.20
C TYR D 179 -18.05 -38.15 -29.08
N VAL D 180 -19.05 -39.02 -28.99
CA VAL D 180 -19.16 -40.00 -27.92
C VAL D 180 -19.28 -41.39 -28.52
N VAL D 181 -18.45 -42.32 -28.03
CA VAL D 181 -18.59 -43.73 -28.38
C VAL D 181 -17.90 -44.55 -27.30
N ASN D 182 -18.53 -45.66 -26.92
CA ASN D 182 -18.03 -46.54 -25.86
C ASN D 182 -17.74 -45.74 -24.59
N SER D 183 -18.64 -44.81 -24.27
CA SER D 183 -18.51 -43.94 -23.10
C SER D 183 -17.21 -43.13 -23.12
N GLU D 184 -16.73 -42.78 -24.31
CA GLU D 184 -15.51 -41.99 -24.47
C GLU D 184 -15.87 -40.68 -25.16
N LEU D 185 -15.64 -39.57 -24.48
CA LEU D 185 -15.89 -38.24 -25.03
C LEU D 185 -14.64 -37.77 -25.77
N SER D 186 -14.77 -37.56 -27.07
CA SER D 186 -13.69 -37.03 -27.89
C SER D 186 -14.06 -35.64 -28.39
N CYS D 187 -13.04 -34.89 -28.80
CA CYS D 187 -13.23 -33.50 -29.19
C CYS D 187 -12.30 -33.15 -30.34
N GLN D 188 -12.84 -32.54 -31.39
CA GLN D 188 -12.04 -32.01 -32.48
C GLN D 188 -12.20 -30.50 -32.56
N LEU D 189 -11.08 -29.80 -32.72
CA LEU D 189 -11.05 -28.35 -32.82
C LEU D 189 -10.52 -27.95 -34.19
N TYR D 190 -11.23 -27.04 -34.85
CA TYR D 190 -10.75 -26.43 -36.08
C TYR D 190 -10.20 -25.05 -35.75
N GLN D 191 -8.87 -24.92 -35.78
CA GLN D 191 -8.20 -23.65 -35.52
C GLN D 191 -7.79 -23.05 -36.86
N ARG D 192 -8.44 -21.92 -37.23
CA ARG D 192 -8.19 -21.29 -38.51
C ARG D 192 -6.78 -20.72 -38.60
N SER D 193 -6.21 -20.29 -37.48
CA SER D 193 -4.90 -19.67 -37.46
C SER D 193 -4.16 -20.19 -36.24
N GLY D 194 -3.01 -20.80 -36.46
CA GLY D 194 -2.27 -21.41 -35.36
C GLY D 194 -0.86 -20.87 -35.20
N ASP D 195 -0.64 -20.10 -34.14
CA ASP D 195 0.72 -19.72 -33.76
C ASP D 195 1.42 -20.95 -33.19
N MET D 196 2.19 -21.63 -34.04
CA MET D 196 2.80 -22.90 -33.65
C MET D 196 3.76 -22.72 -32.48
N GLY D 197 4.40 -21.56 -32.38
CA GLY D 197 5.36 -21.32 -31.32
C GLY D 197 4.73 -20.90 -30.02
N LEU D 198 3.66 -20.12 -30.09
CA LEU D 198 3.06 -19.51 -28.91
C LEU D 198 1.69 -20.10 -28.57
N GLY D 199 0.70 -19.96 -29.46
CA GLY D 199 -0.66 -20.30 -29.10
C GLY D 199 -1.02 -21.76 -29.22
N VAL D 200 -0.42 -22.47 -30.17
CA VAL D 200 -0.82 -23.86 -30.42
C VAL D 200 -0.64 -24.73 -29.18
N PRO D 201 0.52 -24.73 -28.50
CA PRO D 201 0.61 -25.50 -27.25
C PRO D 201 -0.41 -25.07 -26.21
N PHE D 202 -0.70 -23.78 -26.15
CA PHE D 202 -1.71 -23.27 -25.22
C PHE D 202 -3.10 -23.77 -25.58
N ASN D 203 -3.44 -23.77 -26.87
CA ASN D 203 -4.77 -24.20 -27.30
C ASN D 203 -4.95 -25.71 -27.18
N ILE D 204 -3.88 -26.48 -27.40
CA ILE D 204 -3.97 -27.94 -27.25
C ILE D 204 -4.32 -28.28 -25.81
N ALA D 205 -3.64 -27.63 -24.85
CA ALA D 205 -3.94 -27.85 -23.45
C ALA D 205 -5.29 -27.26 -23.05
N SER D 206 -5.71 -26.18 -23.70
CA SER D 206 -6.98 -25.54 -23.36
C SER D 206 -8.16 -26.45 -23.66
N TYR D 207 -8.26 -26.92 -24.90
CA TYR D 207 -9.39 -27.77 -25.29
C TYR D 207 -9.28 -29.19 -24.76
N ALA D 208 -8.08 -29.64 -24.41
CA ALA D 208 -7.98 -30.89 -23.68
C ALA D 208 -8.57 -30.74 -22.28
N LEU D 209 -8.31 -29.62 -21.62
CA LEU D 209 -8.91 -29.34 -20.31
C LEU D 209 -10.42 -29.22 -20.42
N LEU D 210 -10.92 -28.55 -21.47
CA LEU D 210 -12.36 -28.43 -21.64
C LEU D 210 -13.02 -29.79 -21.84
N THR D 211 -12.36 -30.69 -22.55
CA THR D 211 -12.92 -32.03 -22.76
C THR D 211 -12.96 -32.81 -21.45
N TYR D 212 -11.94 -32.64 -20.60
CA TYR D 212 -11.96 -33.29 -19.29
C TYR D 212 -13.11 -32.77 -18.44
N MET D 213 -13.38 -31.47 -18.50
CA MET D 213 -14.45 -30.89 -17.70
C MET D 213 -15.82 -31.38 -18.16
N ILE D 214 -16.05 -31.38 -19.47
CA ILE D 214 -17.35 -31.82 -19.98
C ILE D 214 -17.53 -33.32 -19.79
N ALA D 215 -16.44 -34.08 -19.84
CA ALA D 215 -16.53 -35.52 -19.57
C ALA D 215 -16.81 -35.80 -18.11
N HIS D 216 -16.34 -34.94 -17.20
CA HIS D 216 -16.60 -35.11 -15.78
C HIS D 216 -18.07 -34.89 -15.45
N ILE D 217 -18.70 -33.94 -16.15
CA ILE D 217 -20.10 -33.63 -15.90
C ILE D 217 -20.99 -34.74 -16.45
N THR D 218 -20.75 -35.14 -17.70
CA THR D 218 -21.56 -36.14 -18.38
C THR D 218 -21.22 -37.57 -17.96
N GLY D 219 -20.21 -37.77 -17.13
CA GLY D 219 -19.86 -39.11 -16.69
C GLY D 219 -19.21 -39.97 -17.74
N LEU D 220 -18.34 -39.40 -18.57
CA LEU D 220 -17.67 -40.12 -19.64
C LEU D 220 -16.16 -40.07 -19.42
N LYS D 221 -15.44 -40.93 -20.16
CA LYS D 221 -13.99 -40.85 -20.03
C LYS D 221 -13.41 -40.04 -21.19
N PRO D 222 -12.40 -39.20 -20.94
CA PRO D 222 -11.78 -38.46 -22.04
C PRO D 222 -11.13 -39.42 -23.03
N GLY D 223 -11.42 -39.20 -24.32
CA GLY D 223 -10.89 -40.03 -25.37
C GLY D 223 -9.75 -39.41 -26.14
N ASP D 224 -10.04 -38.85 -27.31
CA ASP D 224 -9.04 -38.22 -28.15
C ASP D 224 -9.34 -36.74 -28.27
N PHE D 225 -8.29 -35.97 -28.57
CA PHE D 225 -8.43 -34.57 -28.95
C PHE D 225 -7.76 -34.41 -30.31
N ILE D 226 -8.58 -34.18 -31.34
CA ILE D 226 -8.08 -34.00 -32.70
C ILE D 226 -7.85 -32.52 -32.92
N HIS D 227 -6.60 -32.15 -33.21
CA HIS D 227 -6.20 -30.76 -33.39
C HIS D 227 -6.04 -30.53 -34.89
N THR D 228 -7.07 -29.98 -35.52
CA THR D 228 -7.06 -29.65 -36.93
C THR D 228 -6.74 -28.17 -37.10
N LEU D 229 -5.75 -27.88 -37.93
CA LEU D 229 -5.28 -26.51 -38.15
C LEU D 229 -5.58 -26.05 -39.58
N GLY D 230 -5.86 -24.76 -39.71
CA GLY D 230 -5.96 -24.12 -41.00
C GLY D 230 -4.62 -23.54 -41.41
N ASP D 231 -4.41 -22.26 -41.12
CA ASP D 231 -3.12 -21.61 -41.37
C ASP D 231 -2.22 -21.91 -40.18
N ALA D 232 -1.40 -22.95 -40.30
CA ALA D 232 -0.38 -23.25 -39.28
C ALA D 232 0.90 -22.54 -39.67
N HIS D 233 1.30 -21.55 -38.88
CA HIS D 233 2.42 -20.69 -39.21
C HIS D 233 3.41 -20.62 -38.06
N ILE D 234 4.67 -20.36 -38.42
CA ILE D 234 5.75 -20.12 -37.46
C ILE D 234 6.31 -18.74 -37.75
N TYR D 235 6.21 -17.84 -36.77
CA TYR D 235 6.72 -16.49 -36.96
C TYR D 235 8.24 -16.50 -37.13
N LEU D 236 8.74 -15.49 -37.84
CA LEU D 236 10.17 -15.45 -38.17
C LEU D 236 11.02 -15.30 -36.91
N ASN D 237 10.56 -14.53 -35.94
CA ASN D 237 11.27 -14.39 -34.67
C ASN D 237 11.05 -15.57 -33.73
N HIS D 238 10.50 -16.68 -34.24
CA HIS D 238 10.36 -17.91 -33.47
C HIS D 238 11.17 -19.07 -34.03
N ILE D 239 11.84 -18.88 -35.17
CA ILE D 239 12.53 -19.99 -35.81
C ILE D 239 13.68 -20.50 -34.94
N GLU D 240 14.51 -19.57 -34.45
CA GLU D 240 15.61 -19.97 -33.58
C GLU D 240 15.11 -20.53 -32.24
N PRO D 241 14.15 -19.89 -31.54
CA PRO D 241 13.65 -20.51 -30.30
C PRO D 241 13.00 -21.86 -30.51
N LEU D 242 12.35 -22.09 -31.66
CA LEU D 242 11.73 -23.38 -31.91
C LEU D 242 12.76 -24.43 -32.34
N LYS D 243 13.83 -24.01 -33.02
CA LYS D 243 14.88 -24.97 -33.37
C LYS D 243 15.62 -25.47 -32.13
N ILE D 244 15.63 -24.68 -31.06
CA ILE D 244 16.20 -25.15 -29.80
C ILE D 244 15.24 -26.11 -29.10
N GLN D 245 13.94 -25.83 -29.17
CA GLN D 245 12.95 -26.72 -28.58
C GLN D 245 12.91 -28.06 -29.30
N LEU D 246 13.21 -28.08 -30.60
CA LEU D 246 13.14 -29.32 -31.36
C LEU D 246 14.24 -30.31 -30.95
N GLN D 247 15.39 -29.78 -30.49
CA GLN D 247 16.47 -30.66 -30.04
C GLN D 247 16.21 -31.24 -28.66
N ARG D 248 15.21 -30.74 -27.94
CA ARG D 248 14.88 -31.27 -26.62
C ARG D 248 14.02 -32.51 -26.75
N GLU D 249 14.32 -33.52 -25.94
CA GLU D 249 13.55 -34.76 -25.94
C GLU D 249 12.30 -34.60 -25.08
N PRO D 250 11.13 -35.03 -25.57
CA PRO D 250 9.91 -34.93 -24.77
C PRO D 250 9.96 -35.84 -23.55
N ARG D 251 9.20 -35.46 -22.54
CA ARG D 251 9.00 -36.23 -21.33
C ARG D 251 7.56 -36.71 -21.26
N PRO D 252 7.27 -37.73 -20.44
CA PRO D 252 5.90 -38.25 -20.40
C PRO D 252 4.89 -37.17 -20.02
N PHE D 253 3.72 -37.23 -20.65
CA PHE D 253 2.67 -36.27 -20.35
C PHE D 253 2.23 -36.41 -18.89
N PRO D 254 1.82 -35.32 -18.25
CA PRO D 254 1.30 -35.43 -16.89
C PRO D 254 -0.11 -36.01 -16.86
N LYS D 255 -0.74 -35.94 -15.70
CA LYS D 255 -2.12 -36.37 -15.53
C LYS D 255 -2.92 -35.23 -14.92
N LEU D 256 -4.21 -35.20 -15.22
CA LEU D 256 -5.11 -34.18 -14.71
C LEU D 256 -6.09 -34.83 -13.73
N ARG D 257 -6.12 -34.31 -12.51
CA ARG D 257 -7.00 -34.82 -11.46
C ARG D 257 -7.99 -33.73 -11.07
N ILE D 258 -9.26 -34.11 -10.98
CA ILE D 258 -10.32 -33.23 -10.50
C ILE D 258 -10.58 -33.60 -9.05
N LEU D 259 -10.42 -32.62 -8.16
CA LEU D 259 -10.38 -32.87 -6.72
C LEU D 259 -11.76 -33.03 -6.09
N ARG D 260 -12.84 -32.67 -6.79
CA ARG D 260 -14.17 -32.83 -6.24
C ARG D 260 -15.16 -33.03 -7.39
N LYS D 261 -16.25 -33.74 -7.09
CA LYS D 261 -17.30 -33.95 -8.07
C LYS D 261 -18.09 -32.66 -8.28
N VAL D 262 -18.11 -32.16 -9.51
CA VAL D 262 -18.81 -30.94 -9.87
C VAL D 262 -19.96 -31.31 -10.79
N GLU D 263 -21.13 -30.72 -10.54
CA GLU D 263 -22.34 -31.08 -11.28
C GLU D 263 -22.54 -30.20 -12.52
N LYS D 264 -22.37 -28.90 -12.39
CA LYS D 264 -22.58 -27.98 -13.50
C LYS D 264 -21.25 -27.41 -13.99
N ILE D 265 -21.23 -27.01 -15.26
CA ILE D 265 -20.01 -26.47 -15.85
C ILE D 265 -19.64 -25.12 -15.27
N ASP D 266 -20.61 -24.37 -14.74
CA ASP D 266 -20.32 -23.07 -14.16
C ASP D 266 -19.70 -23.17 -12.77
N ASP D 267 -19.83 -24.32 -12.11
CA ASP D 267 -19.38 -24.49 -10.74
C ASP D 267 -17.93 -24.93 -10.63
N PHE D 268 -17.21 -24.99 -11.74
CA PHE D 268 -15.80 -25.35 -11.69
C PHE D 268 -14.97 -24.15 -11.24
N LYS D 269 -14.11 -24.36 -10.25
CA LYS D 269 -13.20 -23.34 -9.77
C LYS D 269 -11.76 -23.77 -10.04
N ALA D 270 -10.85 -22.80 -9.99
CA ALA D 270 -9.45 -23.08 -10.28
C ALA D 270 -8.85 -24.06 -9.28
N GLU D 271 -9.33 -24.05 -8.03
CA GLU D 271 -8.80 -24.93 -7.01
C GLU D 271 -9.23 -26.38 -7.17
N ASP D 272 -10.10 -26.68 -8.13
CA ASP D 272 -10.60 -28.03 -8.33
C ASP D 272 -9.72 -28.88 -9.25
N PHE D 273 -8.66 -28.30 -9.81
CA PHE D 273 -7.81 -29.00 -10.77
C PHE D 273 -6.38 -29.08 -10.24
N GLN D 274 -5.71 -30.20 -10.53
CA GLN D 274 -4.33 -30.40 -10.11
C GLN D 274 -3.61 -31.21 -11.17
N ILE D 275 -2.55 -30.63 -11.73
CA ILE D 275 -1.69 -31.33 -12.68
C ILE D 275 -0.63 -32.10 -11.90
N GLU D 276 -0.56 -33.41 -12.13
CA GLU D 276 0.32 -34.30 -11.38
C GLU D 276 1.41 -34.82 -12.31
N GLY D 277 2.66 -34.52 -11.97
CA GLY D 277 3.78 -35.06 -12.72
C GLY D 277 4.14 -34.30 -13.97
N TYR D 278 4.08 -32.97 -13.93
CA TYR D 278 4.46 -32.13 -15.06
C TYR D 278 5.90 -31.71 -14.87
N ASN D 279 6.82 -32.33 -15.63
CA ASN D 279 8.25 -32.04 -15.58
C ASN D 279 8.68 -31.50 -16.93
N PRO D 280 8.48 -30.22 -17.19
CA PRO D 280 8.85 -29.65 -18.49
C PRO D 280 10.29 -29.16 -18.53
N HIS D 281 10.76 -28.94 -19.76
CA HIS D 281 12.04 -28.27 -19.97
C HIS D 281 11.91 -26.80 -19.56
N PRO D 282 13.04 -26.08 -19.41
CA PRO D 282 12.97 -24.65 -19.10
C PRO D 282 12.12 -23.86 -20.09
N THR D 283 11.58 -22.73 -19.66
CA THR D 283 10.76 -21.92 -20.54
C THR D 283 11.59 -21.36 -21.69
N ILE D 284 10.91 -21.09 -22.81
CA ILE D 284 11.51 -20.50 -23.99
C ILE D 284 10.63 -19.31 -24.37
N LYS D 285 11.02 -18.11 -23.93
CA LYS D 285 10.22 -16.92 -24.18
C LYS D 285 10.19 -16.59 -25.67
N MET D 286 9.00 -16.47 -26.23
CA MET D 286 8.79 -16.12 -27.63
C MET D 286 7.91 -14.88 -27.71
N GLU D 287 8.34 -13.90 -28.51
CA GLU D 287 7.61 -12.64 -28.60
C GLU D 287 6.27 -12.85 -29.29
N MET D 288 5.24 -12.17 -28.80
CA MET D 288 3.93 -12.25 -29.42
C MET D 288 3.81 -11.26 -30.57
N ALA D 289 3.12 -11.67 -31.62
CA ALA D 289 2.85 -10.83 -32.79
C ALA D 289 1.35 -10.55 -32.81
N VAL D 290 0.97 -9.34 -32.42
CA VAL D 290 -0.45 -8.96 -32.43
C VAL D 290 -0.60 -7.45 -32.53
#